data_7SRK
#
_entry.id   7SRK
#
_cell.length_a   69.924
_cell.length_b   76.072
_cell.length_c   226.974
_cell.angle_alpha   90.000
_cell.angle_beta   90.000
_cell.angle_gamma   90.000
#
_symmetry.space_group_name_H-M   'P 21 21 21'
#
loop_
_entity.id
_entity.type
_entity.pdbx_description
1 polymer 'RPA-related protein RADX peptide,Beta-2-microglobulin,MHC class I antigen chimera'
2 polymer VHH
3 water water
#
loop_
_entity_poly.entity_id
_entity_poly.type
_entity_poly.pdbx_seq_one_letter_code
_entity_poly.pdbx_strand_id
1 'polypeptide(L)'
;YPPVPETFGGGGSGGGGSGGGGSIQRTPKIQVYSRHPAENGKSNFLNCYVSGFHPSDIEVDLLKNGERIEKVEHSDLSFS
KDWSFYLLYYTEFTPTEKDEYACRVNHVTLSQPKIVKWDRDMGGGGSGGGGSGGGGSGGGGSGSHSMRYFSTSVSRPGRG
EPRFIAVGYVDDTQFVRFDSDAASQRMEPRAPWIEQEGPEYWDEETGKVKAHSQTDRENLRIALRCYNQSEAGSHTLQMM
FGCDVGSDGRFLRGYHQYAYDGKDYIALKEDLRSWTAADMCAQITKRKWEAAHVAEQQRAYLEGTCVDGLRRYLENGKET
LQRTDPPKTHMTHHPISDHEATLRCWALGFYPAEITLTWQRDGEDQTQDTELVETRPAGDGTFQKWAAVVVPSGEEQRYT
CHVQHEGLPKPLTLRWEHHHHHH
;
A,C
2 'polypeptide(L)'
;EVKLVESGGGLVQPGGSLRLSCAASGSIFSINTMGWYRQTPGKQRDLVADISSGGSTKYGDSVKGRFTISRDNTKNTVYL
QMNSLKPEDTAVYYCYGLSYSNDDYWGQGTQVTVSS
;
B,D
#
# COMPACT_ATOMS: atom_id res chain seq x y z
N TYR A 1 27.57 -1.31 -11.16
CA TYR A 1 26.59 -1.13 -12.21
C TYR A 1 27.27 -0.90 -13.57
N PRO A 2 26.67 -1.42 -14.64
CA PRO A 2 27.28 -1.32 -15.98
C PRO A 2 27.47 0.12 -16.41
N PRO A 3 28.41 0.36 -17.36
CA PRO A 3 28.81 1.75 -17.67
C PRO A 3 27.81 2.56 -18.49
N VAL A 4 27.43 2.04 -19.67
CA VAL A 4 26.52 2.72 -20.60
C VAL A 4 27.17 4.04 -21.00
N PRO A 5 28.11 4.03 -21.95
CA PRO A 5 28.89 5.25 -22.23
C PRO A 5 28.33 6.17 -23.30
N GLU A 6 27.37 5.73 -24.10
CA GLU A 6 26.93 6.53 -25.24
C GLU A 6 25.43 6.35 -25.45
N THR A 7 24.82 7.34 -26.08
CA THR A 7 23.41 7.27 -26.44
C THR A 7 23.24 6.71 -27.84
N PHE A 8 21.98 6.44 -28.20
CA PHE A 8 21.68 5.92 -29.52
C PHE A 8 21.98 6.96 -30.59
N GLY A 9 22.19 6.49 -31.81
CA GLY A 9 22.42 7.37 -32.94
C GLY A 9 21.13 7.80 -33.63
N ILE A 24 5.89 -7.91 -31.28
CA ILE A 24 5.89 -6.70 -30.46
C ILE A 24 4.95 -6.87 -29.27
N GLN A 25 3.88 -7.63 -29.47
CA GLN A 25 2.88 -7.88 -28.42
C GLN A 25 2.78 -9.38 -28.17
N ARG A 26 2.91 -9.78 -26.90
CA ARG A 26 2.85 -11.18 -26.50
C ARG A 26 1.93 -11.32 -25.30
N THR A 27 1.00 -12.27 -25.37
CA THR A 27 0.06 -12.44 -24.27
C THR A 27 0.72 -13.24 -23.14
N PRO A 28 0.37 -12.94 -21.89
CA PRO A 28 1.04 -13.61 -20.76
C PRO A 28 0.61 -15.06 -20.62
N LYS A 29 1.57 -15.90 -20.24
CA LYS A 29 1.30 -17.26 -19.79
C LYS A 29 1.09 -17.23 -18.28
N ILE A 30 0.01 -17.86 -17.82
CA ILE A 30 -0.43 -17.75 -16.44
C ILE A 30 -0.33 -19.12 -15.78
N GLN A 31 0.31 -19.17 -14.62
CA GLN A 31 0.37 -20.36 -13.79
C GLN A 31 -0.02 -19.99 -12.37
N VAL A 32 -1.05 -20.62 -11.83
CA VAL A 32 -1.48 -20.43 -10.46
C VAL A 32 -1.27 -21.74 -9.70
N TYR A 33 -0.59 -21.65 -8.56
CA TYR A 33 -0.14 -22.85 -7.86
C TYR A 33 0.31 -22.46 -6.46
N SER A 34 0.41 -23.46 -5.59
CA SER A 34 0.91 -23.26 -4.25
C SER A 34 2.40 -23.57 -4.18
N ARG A 35 3.06 -22.98 -3.18
CA ARG A 35 4.49 -23.22 -3.00
C ARG A 35 4.76 -24.67 -2.61
N HIS A 36 4.03 -25.18 -1.62
CA HIS A 36 4.10 -26.55 -1.18
C HIS A 36 2.80 -27.27 -1.52
N PRO A 37 2.80 -28.61 -1.50
CA PRO A 37 1.54 -29.33 -1.72
C PRO A 37 0.47 -28.89 -0.73
N ALA A 38 -0.73 -28.69 -1.24
CA ALA A 38 -1.81 -28.10 -0.46
C ALA A 38 -2.39 -29.12 0.52
N GLU A 39 -2.43 -28.74 1.79
CA GLU A 39 -3.11 -29.50 2.83
C GLU A 39 -4.13 -28.60 3.51
N ASN A 40 -5.36 -29.08 3.62
CA ASN A 40 -6.43 -28.29 4.22
C ASN A 40 -6.08 -27.89 5.65
N GLY A 41 -6.13 -26.59 5.94
CA GLY A 41 -5.85 -26.09 7.27
C GLY A 41 -4.40 -25.83 7.56
N LYS A 42 -3.50 -26.00 6.60
CA LYS A 42 -2.07 -25.79 6.79
C LYS A 42 -1.62 -24.60 5.96
N SER A 43 -0.91 -23.67 6.60
CA SER A 43 -0.50 -22.44 5.95
C SER A 43 0.41 -22.73 4.76
N ASN A 44 0.32 -21.88 3.74
CA ASN A 44 1.02 -22.10 2.48
C ASN A 44 1.18 -20.75 1.79
N PHE A 45 1.50 -20.77 0.49
CA PHE A 45 1.68 -19.56 -0.30
C PHE A 45 0.98 -19.76 -1.64
N LEU A 46 0.11 -18.82 -2.00
CA LEU A 46 -0.58 -18.85 -3.28
C LEU A 46 0.20 -18.03 -4.29
N ASN A 47 0.62 -18.66 -5.38
CA ASN A 47 1.45 -18.03 -6.39
C ASN A 47 0.68 -17.84 -7.69
N CYS A 48 0.95 -16.74 -8.37
CA CYS A 48 0.51 -16.54 -9.74
C CYS A 48 1.71 -16.04 -10.54
N TYR A 49 2.28 -16.91 -11.36
CA TYR A 49 3.46 -16.61 -12.16
C TYR A 49 3.02 -16.28 -13.57
N VAL A 50 3.20 -15.02 -13.97
CA VAL A 50 2.93 -14.57 -15.32
C VAL A 50 4.26 -14.38 -16.03
N SER A 51 4.36 -14.86 -17.27
CA SER A 51 5.61 -14.83 -17.99
C SER A 51 5.34 -14.81 -19.49
N GLY A 52 6.38 -14.45 -20.25
CA GLY A 52 6.30 -14.48 -21.69
C GLY A 52 5.40 -13.44 -22.31
N PHE A 53 5.27 -12.26 -21.70
CA PHE A 53 4.39 -11.23 -22.22
C PHE A 53 5.17 -9.97 -22.56
N HIS A 54 4.55 -9.15 -23.41
CA HIS A 54 5.09 -7.88 -23.88
C HIS A 54 3.94 -7.03 -24.38
N PRO A 55 3.85 -5.74 -23.98
CA PRO A 55 4.79 -5.03 -23.11
C PRO A 55 4.65 -5.37 -21.62
N SER A 56 5.27 -4.56 -20.77
CA SER A 56 5.43 -4.93 -19.37
C SER A 56 4.19 -4.64 -18.53
N ASP A 57 3.45 -3.58 -18.85
CA ASP A 57 2.30 -3.19 -18.03
C ASP A 57 1.30 -4.34 -17.93
N ILE A 58 0.91 -4.68 -16.71
CA ILE A 58 0.05 -5.82 -16.46
C ILE A 58 -0.61 -5.64 -15.10
N GLU A 59 -1.86 -6.10 -14.99
CA GLU A 59 -2.61 -6.07 -13.74
C GLU A 59 -2.92 -7.50 -13.34
N VAL A 60 -2.46 -7.90 -12.17
CA VAL A 60 -2.61 -9.27 -11.68
C VAL A 60 -3.32 -9.24 -10.34
N ASP A 61 -4.37 -10.06 -10.20
CA ASP A 61 -5.14 -10.15 -8.98
C ASP A 61 -5.26 -11.60 -8.54
N LEU A 62 -5.20 -11.81 -7.22
CA LEU A 62 -5.47 -13.11 -6.64
C LEU A 62 -6.90 -13.09 -6.09
N LEU A 63 -7.69 -14.09 -6.48
CA LEU A 63 -9.10 -14.15 -6.13
C LEU A 63 -9.36 -15.25 -5.13
N LYS A 64 -10.28 -15.00 -4.20
CA LYS A 64 -10.70 -16.00 -3.21
C LYS A 64 -12.21 -15.89 -3.05
N ASN A 65 -12.92 -16.94 -3.46
CA ASN A 65 -14.37 -17.02 -3.30
C ASN A 65 -15.09 -15.85 -3.96
N GLY A 66 -14.58 -15.42 -5.11
CA GLY A 66 -15.25 -14.42 -5.91
C GLY A 66 -14.89 -12.98 -5.62
N GLU A 67 -13.84 -12.72 -4.85
CA GLU A 67 -13.42 -11.36 -4.59
C GLU A 67 -11.90 -11.29 -4.52
N ARG A 68 -11.39 -10.07 -4.58
CA ARG A 68 -9.96 -9.83 -4.64
C ARG A 68 -9.32 -10.02 -3.27
N ILE A 69 -8.12 -10.61 -3.26
CA ILE A 69 -7.29 -10.67 -2.06
C ILE A 69 -6.53 -9.35 -1.97
N GLU A 70 -6.79 -8.58 -0.91
CA GLU A 70 -6.37 -7.18 -0.89
C GLU A 70 -4.87 -7.03 -0.77
N LYS A 71 -4.23 -7.79 0.13
CA LYS A 71 -2.79 -7.71 0.34
C LYS A 71 -2.11 -8.79 -0.49
N VAL A 72 -1.44 -8.38 -1.57
CA VAL A 72 -0.73 -9.29 -2.45
C VAL A 72 0.60 -8.65 -2.84
N GLU A 73 1.69 -9.39 -2.68
CA GLU A 73 3.01 -8.92 -3.05
C GLU A 73 3.42 -9.49 -4.40
N HIS A 74 4.36 -8.81 -5.04
CA HIS A 74 4.87 -9.24 -6.35
C HIS A 74 6.35 -8.97 -6.43
N SER A 75 7.02 -9.74 -7.28
CA SER A 75 8.45 -9.60 -7.50
C SER A 75 8.73 -8.38 -8.38
N ASP A 76 10.00 -8.01 -8.46
CA ASP A 76 10.43 -6.90 -9.29
C ASP A 76 10.45 -7.30 -10.76
N LEU A 77 10.14 -6.34 -11.62
CA LEU A 77 10.03 -6.62 -13.05
C LEU A 77 11.37 -7.06 -13.63
N SER A 78 11.36 -8.22 -14.29
CA SER A 78 12.52 -8.75 -14.99
C SER A 78 12.04 -9.37 -16.30
N PHE A 79 12.99 -9.85 -17.10
CA PHE A 79 12.63 -10.47 -18.38
C PHE A 79 13.62 -11.57 -18.71
N SER A 80 13.19 -12.46 -19.62
CA SER A 80 13.97 -13.60 -20.04
C SER A 80 14.91 -13.22 -21.18
N LYS A 81 15.63 -14.21 -21.71
CA LYS A 81 16.58 -13.96 -22.78
C LYS A 81 15.91 -13.46 -24.04
N ASP A 82 14.66 -13.87 -24.28
CA ASP A 82 13.91 -13.44 -25.45
C ASP A 82 13.23 -12.08 -25.25
N TRP A 83 13.60 -11.36 -24.19
CA TRP A 83 13.10 -10.03 -23.82
C TRP A 83 11.68 -10.05 -23.26
N SER A 84 11.03 -11.21 -23.17
CA SER A 84 9.69 -11.28 -22.62
C SER A 84 9.72 -11.18 -21.10
N PHE A 85 8.77 -10.44 -20.54
CA PHE A 85 8.76 -10.14 -19.11
C PHE A 85 8.16 -11.30 -18.32
N TYR A 86 8.51 -11.34 -17.04
CA TYR A 86 7.92 -12.30 -16.12
C TYR A 86 7.79 -11.67 -14.74
N LEU A 87 6.75 -12.09 -14.02
CA LEU A 87 6.47 -11.58 -12.69
C LEU A 87 5.86 -12.70 -11.85
N LEU A 88 6.06 -12.61 -10.54
CA LEU A 88 5.47 -13.56 -9.60
C LEU A 88 4.64 -12.79 -8.58
N TYR A 89 3.34 -13.03 -8.58
CA TYR A 89 2.44 -12.48 -7.58
C TYR A 89 2.15 -13.57 -6.55
N TYR A 90 2.24 -13.22 -5.27
CA TYR A 90 2.20 -14.22 -4.21
C TYR A 90 1.65 -13.61 -2.94
N THR A 91 1.03 -14.45 -2.12
CA THR A 91 0.59 -14.05 -0.79
C THR A 91 0.41 -15.30 0.06
N GLU A 92 0.44 -15.10 1.37
CA GLU A 92 0.19 -16.19 2.30
C GLU A 92 -1.30 -16.53 2.30
N PHE A 93 -1.60 -17.81 2.50
CA PHE A 93 -2.99 -18.25 2.59
C PHE A 93 -3.04 -19.63 3.21
N THR A 94 -4.22 -19.98 3.72
CA THR A 94 -4.49 -21.31 4.24
C THR A 94 -5.71 -21.88 3.51
N PRO A 95 -5.53 -22.83 2.60
CA PRO A 95 -6.69 -23.36 1.86
C PRO A 95 -7.52 -24.29 2.74
N THR A 96 -8.83 -24.22 2.55
CA THR A 96 -9.78 -25.13 3.18
C THR A 96 -10.54 -25.88 2.10
N GLU A 97 -11.44 -26.75 2.53
CA GLU A 97 -12.20 -27.56 1.58
C GLU A 97 -13.09 -26.70 0.70
N LYS A 98 -13.65 -25.63 1.26
CA LYS A 98 -14.64 -24.82 0.57
C LYS A 98 -14.02 -23.70 -0.28
N ASP A 99 -12.85 -23.21 0.10
CA ASP A 99 -12.27 -22.05 -0.56
C ASP A 99 -11.84 -22.38 -1.98
N GLU A 100 -12.23 -21.52 -2.93
CA GLU A 100 -11.80 -21.61 -4.31
C GLU A 100 -10.94 -20.40 -4.63
N TYR A 101 -9.79 -20.63 -5.26
CA TYR A 101 -8.84 -19.58 -5.56
C TYR A 101 -8.57 -19.52 -7.06
N ALA A 102 -8.34 -18.30 -7.55
CA ALA A 102 -8.06 -18.09 -8.97
C ALA A 102 -7.16 -16.87 -9.10
N CYS A 103 -6.59 -16.72 -10.30
CA CYS A 103 -5.77 -15.57 -10.64
C CYS A 103 -6.36 -14.86 -11.84
N ARG A 104 -6.50 -13.54 -11.73
CA ARG A 104 -7.03 -12.70 -12.80
C ARG A 104 -5.90 -11.83 -13.33
N VAL A 105 -5.76 -11.78 -14.66
CA VAL A 105 -4.67 -11.09 -15.32
C VAL A 105 -5.25 -10.21 -16.42
N ASN A 106 -4.90 -8.92 -16.40
CA ASN A 106 -5.29 -7.98 -17.44
C ASN A 106 -4.07 -7.54 -18.22
N HIS A 107 -4.20 -7.48 -19.54
CA HIS A 107 -3.09 -7.13 -20.42
C HIS A 107 -3.67 -6.55 -21.71
N VAL A 108 -2.84 -5.78 -22.42
CA VAL A 108 -3.27 -5.17 -23.67
C VAL A 108 -3.66 -6.22 -24.71
N THR A 109 -3.12 -7.44 -24.58
CA THR A 109 -3.43 -8.52 -25.52
C THR A 109 -4.74 -9.22 -25.20
N LEU A 110 -5.42 -8.86 -24.13
CA LEU A 110 -6.66 -9.50 -23.72
C LEU A 110 -7.83 -8.54 -23.87
N SER A 111 -8.88 -8.99 -24.56
CA SER A 111 -10.09 -8.18 -24.68
C SER A 111 -10.74 -7.96 -23.32
N GLN A 112 -10.64 -8.94 -22.44
CA GLN A 112 -11.11 -8.84 -21.06
C GLN A 112 -10.13 -9.60 -20.20
N PRO A 113 -10.06 -9.29 -18.90
CA PRO A 113 -9.10 -9.99 -18.03
C PRO A 113 -9.34 -11.49 -18.03
N LYS A 114 -8.25 -12.25 -18.12
CA LYS A 114 -8.32 -13.70 -18.15
C LYS A 114 -8.21 -14.26 -16.75
N ILE A 115 -9.03 -15.27 -16.45
CA ILE A 115 -9.10 -15.89 -15.13
C ILE A 115 -8.65 -17.33 -15.25
N VAL A 116 -7.65 -17.71 -14.45
CA VAL A 116 -7.17 -19.08 -14.36
C VAL A 116 -7.43 -19.56 -12.93
N LYS A 117 -8.18 -20.65 -12.81
CA LYS A 117 -8.51 -21.19 -11.50
C LYS A 117 -7.39 -22.07 -10.97
N TRP A 118 -7.34 -22.20 -9.64
CA TRP A 118 -6.29 -22.99 -8.99
C TRP A 118 -6.67 -24.46 -8.96
N ASP A 119 -5.76 -25.31 -9.44
CA ASP A 119 -5.94 -26.75 -9.43
C ASP A 119 -5.02 -27.33 -8.36
N ARG A 120 -5.60 -28.00 -7.38
CA ARG A 120 -4.83 -28.65 -6.33
C ARG A 120 -4.13 -29.89 -6.85
N GLY A 143 29.69 -26.15 -11.80
CA GLY A 143 28.92 -25.49 -12.84
C GLY A 143 29.33 -24.05 -13.06
N SER A 144 28.91 -23.49 -14.19
CA SER A 144 29.23 -22.11 -14.51
C SER A 144 28.39 -21.15 -13.65
N HIS A 145 28.79 -19.88 -13.67
CA HIS A 145 28.09 -18.85 -12.93
C HIS A 145 27.97 -17.60 -13.80
N SER A 146 26.93 -16.81 -13.53
CA SER A 146 26.62 -15.66 -14.36
C SER A 146 26.10 -14.51 -13.51
N MET A 147 26.39 -13.30 -13.95
CA MET A 147 25.81 -12.08 -13.38
C MET A 147 25.13 -11.29 -14.49
N ARG A 148 23.95 -10.75 -14.19
CA ARG A 148 23.18 -10.01 -15.17
C ARG A 148 22.60 -8.76 -14.55
N TYR A 149 22.50 -7.71 -15.37
CA TYR A 149 21.78 -6.49 -15.02
C TYR A 149 20.73 -6.26 -16.10
N PHE A 150 19.47 -6.25 -15.68
CA PHE A 150 18.35 -6.02 -16.58
C PHE A 150 17.72 -4.66 -16.29
N SER A 151 17.34 -3.95 -17.34
CA SER A 151 16.71 -2.65 -17.20
C SER A 151 15.55 -2.52 -18.18
N THR A 152 14.52 -1.80 -17.75
CA THR A 152 13.31 -1.62 -18.56
C THR A 152 12.84 -0.18 -18.40
N SER A 153 12.76 0.54 -19.50
CA SER A 153 12.25 1.91 -19.53
C SER A 153 10.97 1.92 -20.34
N VAL A 154 9.88 2.37 -19.72
CA VAL A 154 8.56 2.41 -20.34
C VAL A 154 8.07 3.84 -20.35
N SER A 155 7.92 4.40 -21.55
CA SER A 155 7.43 5.77 -21.66
C SER A 155 5.94 5.84 -21.37
N ARG A 156 5.51 6.99 -20.87
CA ARG A 156 4.11 7.23 -20.51
C ARG A 156 3.77 8.67 -20.84
N PRO A 157 3.61 8.99 -22.12
CA PRO A 157 3.36 10.39 -22.52
C PRO A 157 2.14 10.96 -21.82
N GLY A 158 2.28 12.19 -21.36
CA GLY A 158 1.21 12.87 -20.65
C GLY A 158 1.22 12.59 -19.17
N ARG A 159 1.76 11.43 -18.79
CA ARG A 159 1.82 11.01 -17.39
C ARG A 159 3.24 11.11 -16.82
N GLY A 160 4.03 12.05 -17.32
CA GLY A 160 5.33 12.32 -16.75
C GLY A 160 6.48 11.61 -17.42
N GLU A 161 7.56 11.39 -16.68
CA GLU A 161 8.76 10.78 -17.20
C GLU A 161 8.60 9.26 -17.29
N PRO A 162 9.37 8.61 -18.16
CA PRO A 162 9.25 7.15 -18.30
C PRO A 162 9.65 6.41 -17.04
N ARG A 163 9.01 5.27 -16.84
CA ARG A 163 9.30 4.42 -15.69
C ARG A 163 10.53 3.56 -15.96
N PHE A 164 11.52 3.62 -15.07
CA PHE A 164 12.76 2.88 -15.20
C PHE A 164 12.87 1.89 -14.06
N ILE A 165 13.01 0.61 -14.38
CA ILE A 165 13.17 -0.44 -13.39
C ILE A 165 14.40 -1.26 -13.76
N ALA A 166 15.31 -1.43 -12.81
CA ALA A 166 16.54 -2.20 -13.02
C ALA A 166 16.67 -3.25 -11.94
N VAL A 167 17.12 -4.44 -12.32
CA VAL A 167 17.38 -5.52 -11.38
C VAL A 167 18.71 -6.17 -11.71
N GLY A 168 19.35 -6.72 -10.69
CA GLY A 168 20.61 -7.44 -10.85
C GLY A 168 20.48 -8.86 -10.35
N TYR A 169 21.13 -9.78 -11.06
CA TYR A 169 21.04 -11.20 -10.75
C TYR A 169 22.43 -11.81 -10.68
N VAL A 170 22.57 -12.78 -9.78
CA VAL A 170 23.69 -13.72 -9.78
C VAL A 170 23.08 -15.11 -9.93
N ASP A 171 23.38 -15.77 -11.05
CA ASP A 171 22.70 -16.99 -11.45
C ASP A 171 21.19 -16.74 -11.48
N ASP A 172 20.43 -17.45 -10.64
CA ASP A 172 18.98 -17.28 -10.60
C ASP A 172 18.51 -16.58 -9.32
N THR A 173 19.38 -15.79 -8.71
CA THR A 173 19.07 -15.08 -7.47
C THR A 173 19.24 -13.58 -7.69
N GLN A 174 18.17 -12.83 -7.49
CA GLN A 174 18.22 -11.38 -7.59
C GLN A 174 18.78 -10.78 -6.31
N PHE A 175 19.59 -9.72 -6.44
CA PHE A 175 20.24 -9.12 -5.28
C PHE A 175 20.12 -7.61 -5.18
N VAL A 176 19.81 -6.89 -6.27
CA VAL A 176 19.60 -5.44 -6.22
C VAL A 176 18.41 -5.07 -7.08
N ARG A 177 17.85 -3.89 -6.80
CA ARG A 177 16.74 -3.36 -7.56
C ARG A 177 16.78 -1.84 -7.51
N PHE A 178 16.17 -1.22 -8.51
CA PHE A 178 15.98 0.22 -8.53
C PHE A 178 14.68 0.54 -9.26
N ASP A 179 13.84 1.37 -8.64
CA ASP A 179 12.56 1.77 -9.20
C ASP A 179 12.50 3.29 -9.18
N SER A 180 12.45 3.91 -10.36
CA SER A 180 12.41 5.36 -10.45
C SER A 180 11.15 5.95 -9.86
N ASP A 181 10.09 5.14 -9.66
CA ASP A 181 8.87 5.59 -9.02
C ASP A 181 8.89 5.37 -7.51
N ALA A 182 9.93 4.75 -6.97
CA ALA A 182 9.96 4.43 -5.55
C ALA A 182 10.36 5.67 -4.73
N ALA A 183 9.95 5.66 -3.46
CA ALA A 183 10.22 6.81 -2.60
C ALA A 183 11.69 6.88 -2.20
N SER A 184 12.38 5.75 -2.18
CA SER A 184 13.76 5.75 -1.70
C SER A 184 14.69 6.43 -2.69
N GLN A 185 14.48 6.19 -3.99
CA GLN A 185 15.36 6.70 -5.03
C GLN A 185 16.80 6.26 -4.80
N ARG A 186 16.96 5.02 -4.37
CA ARG A 186 18.27 4.41 -4.14
C ARG A 186 18.24 2.97 -4.60
N MET A 187 19.43 2.46 -4.95
CA MET A 187 19.57 1.02 -5.20
C MET A 187 19.32 0.26 -3.93
N GLU A 188 18.35 -0.66 -3.96
CA GLU A 188 17.94 -1.34 -2.74
C GLU A 188 18.41 -2.78 -2.73
N PRO A 189 18.80 -3.30 -1.56
CA PRO A 189 19.21 -4.71 -1.50
C PRO A 189 18.02 -5.64 -1.65
N ARG A 190 18.24 -6.75 -2.37
CA ARG A 190 17.21 -7.76 -2.55
C ARG A 190 17.72 -9.17 -2.23
N ALA A 191 18.89 -9.29 -1.59
CA ALA A 191 19.44 -10.56 -1.16
C ALA A 191 20.18 -10.31 0.14
N PRO A 192 20.16 -11.25 1.09
CA PRO A 192 20.83 -11.01 2.38
C PRO A 192 22.32 -10.76 2.25
N TRP A 193 23.01 -11.45 1.33
CA TRP A 193 24.46 -11.35 1.24
C TRP A 193 24.95 -10.05 0.61
N ILE A 194 24.07 -9.24 0.03
CA ILE A 194 24.47 -7.95 -0.50
C ILE A 194 24.34 -6.84 0.53
N GLU A 195 23.68 -7.09 1.66
CA GLU A 195 23.57 -6.09 2.71
C GLU A 195 24.90 -5.82 3.40
N GLN A 196 25.92 -6.63 3.14
CA GLN A 196 27.24 -6.40 3.74
C GLN A 196 27.89 -5.13 3.22
N GLU A 197 27.59 -4.76 1.97
CA GLU A 197 28.31 -3.68 1.31
C GLU A 197 28.14 -2.36 2.07
N GLY A 198 29.20 -1.57 2.10
CA GLY A 198 29.20 -0.32 2.83
C GLY A 198 28.46 0.77 2.09
N PRO A 199 28.40 1.95 2.73
CA PRO A 199 27.67 3.07 2.12
C PRO A 199 28.28 3.55 0.81
N GLU A 200 29.59 3.40 0.63
CA GLU A 200 30.21 3.81 -0.63
C GLU A 200 29.74 2.96 -1.80
N TYR A 201 29.42 1.69 -1.55
CA TYR A 201 28.88 0.84 -2.59
C TYR A 201 27.49 1.34 -3.02
N TRP A 202 26.62 1.62 -2.06
CA TRP A 202 25.27 2.05 -2.39
C TRP A 202 25.26 3.46 -2.97
N ASP A 203 26.20 4.31 -2.57
CA ASP A 203 26.33 5.63 -3.20
C ASP A 203 26.76 5.49 -4.65
N GLU A 204 27.67 4.56 -4.93
CA GLU A 204 28.17 4.39 -6.29
C GLU A 204 27.13 3.73 -7.19
N GLU A 205 26.45 2.70 -6.70
CA GLU A 205 25.47 1.99 -7.53
C GLU A 205 24.26 2.87 -7.81
N THR A 206 23.81 3.65 -6.82
CA THR A 206 22.65 4.51 -7.03
C THR A 206 22.93 5.58 -8.08
N GLY A 207 24.09 6.23 -7.99
CA GLY A 207 24.43 7.25 -8.96
C GLY A 207 24.57 6.71 -10.37
N LYS A 208 25.03 5.46 -10.51
CA LYS A 208 25.23 4.88 -11.83
C LYS A 208 23.92 4.41 -12.45
N VAL A 209 23.03 3.82 -11.64
CA VAL A 209 21.74 3.40 -12.17
C VAL A 209 20.86 4.61 -12.45
N LYS A 210 21.08 5.72 -11.73
CA LYS A 210 20.36 6.95 -12.03
C LYS A 210 20.82 7.53 -13.36
N ALA A 211 22.14 7.55 -13.61
CA ALA A 211 22.65 8.05 -14.87
C ALA A 211 22.19 7.18 -16.04
N HIS A 212 22.07 5.88 -15.82
CA HIS A 212 21.56 5.00 -16.88
C HIS A 212 20.11 5.34 -17.22
N SER A 213 19.27 5.57 -16.20
CA SER A 213 17.87 5.91 -16.45
C SER A 213 17.73 7.18 -17.26
N GLN A 214 18.64 8.14 -17.06
CA GLN A 214 18.61 9.35 -17.87
C GLN A 214 19.06 9.08 -19.30
N THR A 215 20.09 8.24 -19.46
CA THR A 215 20.55 7.89 -20.80
C THR A 215 19.46 7.16 -21.59
N ASP A 216 18.81 6.19 -20.96
CA ASP A 216 17.74 5.46 -21.62
C ASP A 216 16.50 6.32 -21.86
N ARG A 217 16.32 7.38 -21.08
CA ARG A 217 15.24 8.32 -21.36
C ARG A 217 15.52 9.10 -22.64
N GLU A 218 16.75 9.59 -22.79
CA GLU A 218 17.13 10.26 -24.03
C GLU A 218 17.13 9.28 -25.21
N ASN A 219 17.46 8.02 -24.96
CA ASN A 219 17.42 7.02 -26.02
C ASN A 219 16.00 6.80 -26.52
N LEU A 220 15.01 6.86 -25.62
CA LEU A 220 13.63 6.70 -26.03
C LEU A 220 13.19 7.82 -26.96
N ARG A 221 13.65 9.04 -26.71
CA ARG A 221 13.33 10.16 -27.60
C ARG A 221 14.07 10.03 -28.92
N ILE A 222 15.25 9.41 -28.94
CA ILE A 222 15.97 9.22 -30.18
C ILE A 222 15.28 8.16 -31.04
N ALA A 223 14.90 7.05 -30.43
CA ALA A 223 14.21 5.99 -31.18
C ALA A 223 12.86 6.47 -31.70
N LEU A 224 12.17 7.33 -30.94
CA LEU A 224 10.91 7.89 -31.41
C LEU A 224 11.11 8.66 -32.72
N ARG A 225 12.15 9.50 -32.77
CA ARG A 225 12.39 10.31 -33.95
C ARG A 225 12.86 9.47 -35.14
N CYS A 226 13.72 8.48 -34.87
CA CYS A 226 14.31 7.71 -35.96
C CYS A 226 13.27 6.83 -36.65
N TYR A 227 12.32 6.29 -35.90
CA TYR A 227 11.28 5.43 -36.45
C TYR A 227 10.06 6.22 -36.91
N ASN A 228 10.06 7.54 -36.75
CA ASN A 228 8.94 8.40 -37.14
C ASN A 228 7.63 7.92 -36.50
N GLN A 229 7.67 7.72 -35.20
CA GLN A 229 6.51 7.28 -34.44
C GLN A 229 5.88 8.45 -33.70
N SER A 230 4.58 8.33 -33.43
CA SER A 230 3.85 9.41 -32.80
C SER A 230 4.29 9.61 -31.35
N GLU A 231 4.22 10.86 -30.90
CA GLU A 231 4.64 11.18 -29.54
C GLU A 231 3.62 10.73 -28.49
N ALA A 232 2.41 10.37 -28.89
CA ALA A 232 1.37 9.95 -27.96
C ALA A 232 1.43 8.46 -27.65
N GLY A 233 2.33 7.71 -28.28
CA GLY A 233 2.44 6.29 -28.01
C GLY A 233 3.44 5.96 -26.92
N SER A 234 3.23 4.82 -26.29
CA SER A 234 4.12 4.32 -25.24
C SER A 234 5.07 3.30 -25.84
N HIS A 235 6.35 3.41 -25.47
CA HIS A 235 7.39 2.56 -26.01
C HIS A 235 8.27 2.02 -24.88
N THR A 236 8.95 0.92 -25.18
CA THR A 236 9.77 0.20 -24.20
C THR A 236 11.19 0.07 -24.73
N LEU A 237 12.15 0.31 -23.84
CA LEU A 237 13.57 0.10 -24.14
C LEU A 237 14.16 -0.77 -23.03
N GLN A 238 14.65 -1.96 -23.41
CA GLN A 238 15.25 -2.89 -22.49
C GLN A 238 16.74 -3.02 -22.77
N MET A 239 17.51 -3.23 -21.71
CA MET A 239 18.94 -3.48 -21.83
C MET A 239 19.34 -4.66 -20.96
N MET A 240 20.35 -5.39 -21.42
CA MET A 240 20.92 -6.50 -20.68
C MET A 240 22.44 -6.37 -20.70
N PHE A 241 23.08 -6.70 -19.58
CA PHE A 241 24.52 -6.57 -19.42
C PHE A 241 24.98 -7.57 -18.38
N GLY A 242 26.11 -8.22 -18.65
CA GLY A 242 26.65 -9.16 -17.70
C GLY A 242 27.70 -10.06 -18.31
N CYS A 243 28.25 -10.92 -17.47
CA CYS A 243 29.35 -11.78 -17.85
C CYS A 243 29.10 -13.20 -17.33
N ASP A 244 29.74 -14.16 -17.98
CA ASP A 244 29.72 -15.55 -17.56
C ASP A 244 31.12 -15.99 -17.17
N VAL A 245 31.22 -16.79 -16.10
CA VAL A 245 32.47 -17.39 -15.68
C VAL A 245 32.26 -18.88 -15.50
N GLY A 246 33.33 -19.65 -15.63
CA GLY A 246 33.29 -21.08 -15.47
C GLY A 246 33.40 -21.49 -14.01
N SER A 247 33.60 -22.79 -13.81
CA SER A 247 33.76 -23.31 -12.46
C SER A 247 34.98 -22.70 -11.78
N ASP A 248 36.05 -22.47 -12.54
CA ASP A 248 37.26 -21.85 -12.02
C ASP A 248 37.12 -20.35 -11.80
N GLY A 249 35.98 -19.77 -12.18
CA GLY A 249 35.75 -18.35 -11.99
C GLY A 249 36.41 -17.44 -13.01
N ARG A 250 37.00 -18.00 -14.05
CA ARG A 250 37.63 -17.19 -15.08
C ARG A 250 36.61 -16.80 -16.15
N PHE A 251 36.92 -15.71 -16.86
CA PHE A 251 35.97 -15.15 -17.82
C PHE A 251 35.60 -16.16 -18.90
N LEU A 252 34.34 -16.12 -19.32
CA LEU A 252 33.84 -17.04 -20.34
C LEU A 252 33.17 -16.27 -21.47
N ARG A 253 32.13 -15.49 -21.15
CA ARG A 253 31.39 -14.74 -22.15
C ARG A 253 30.97 -13.39 -21.57
N GLY A 254 30.75 -12.43 -22.46
CA GLY A 254 30.25 -11.14 -22.07
C GLY A 254 29.08 -10.73 -22.96
N TYR A 255 28.21 -9.90 -22.41
CA TYR A 255 26.97 -9.53 -23.08
C TYR A 255 26.64 -8.06 -22.86
N HIS A 256 26.10 -7.44 -23.90
CA HIS A 256 25.52 -6.09 -23.81
C HIS A 256 24.60 -5.91 -25.00
N GLN A 257 23.29 -5.92 -24.75
CA GLN A 257 22.32 -5.85 -25.84
C GLN A 257 21.12 -5.01 -25.42
N TYR A 258 20.45 -4.48 -26.43
CA TYR A 258 19.30 -3.59 -26.29
C TYR A 258 18.10 -4.18 -27.00
N ALA A 259 16.91 -3.82 -26.54
CA ALA A 259 15.68 -4.17 -27.24
C ALA A 259 14.73 -2.98 -27.21
N TYR A 260 14.06 -2.75 -28.34
CA TYR A 260 13.11 -1.66 -28.47
C TYR A 260 11.75 -2.24 -28.85
N ASP A 261 10.76 -2.06 -27.99
CA ASP A 261 9.40 -2.55 -28.20
C ASP A 261 9.39 -4.07 -28.41
N GLY A 262 10.25 -4.77 -27.68
CA GLY A 262 10.30 -6.22 -27.75
C GLY A 262 11.11 -6.78 -28.89
N LYS A 263 11.73 -5.94 -29.72
CA LYS A 263 12.54 -6.39 -30.85
C LYS A 263 14.00 -6.04 -30.63
N ASP A 264 14.88 -6.93 -31.07
CA ASP A 264 16.31 -6.68 -30.96
C ASP A 264 16.68 -5.35 -31.63
N TYR A 265 17.53 -4.59 -30.97
CA TYR A 265 17.99 -3.30 -31.50
C TYR A 265 19.47 -3.36 -31.83
N ILE A 266 20.34 -3.40 -30.82
CA ILE A 266 21.77 -3.56 -31.02
C ILE A 266 22.28 -4.55 -29.99
N ALA A 267 23.30 -5.32 -30.36
CA ALA A 267 23.81 -6.38 -29.50
C ALA A 267 25.30 -6.54 -29.73
N LEU A 268 26.05 -6.61 -28.63
CA LEU A 268 27.49 -6.84 -28.72
C LEU A 268 27.74 -8.30 -29.06
N LYS A 269 28.50 -8.54 -30.14
CA LYS A 269 28.75 -9.89 -30.60
C LYS A 269 29.61 -10.66 -29.58
N GLU A 270 29.75 -11.97 -29.83
CA GLU A 270 30.43 -12.83 -28.89
C GLU A 270 31.90 -12.44 -28.73
N ASP A 271 32.55 -12.05 -29.82
CA ASP A 271 33.96 -11.67 -29.76
C ASP A 271 34.18 -10.35 -29.04
N LEU A 272 33.12 -9.67 -28.60
CA LEU A 272 33.21 -8.38 -27.90
C LEU A 272 34.01 -7.36 -28.69
N ARG A 273 33.90 -7.40 -30.02
CA ARG A 273 34.62 -6.47 -30.89
C ARG A 273 33.74 -5.73 -31.88
N SER A 274 32.57 -6.25 -32.23
CA SER A 274 31.67 -5.59 -33.16
C SER A 274 30.24 -5.78 -32.70
N TRP A 275 29.32 -5.09 -33.37
CA TRP A 275 27.92 -5.02 -32.98
C TRP A 275 27.03 -5.66 -34.03
N THR A 276 25.87 -6.15 -33.58
CA THR A 276 24.82 -6.64 -34.46
C THR A 276 23.70 -5.62 -34.45
N ALA A 277 23.48 -4.96 -35.59
CA ALA A 277 22.44 -3.96 -35.72
C ALA A 277 21.25 -4.57 -36.45
N ALA A 278 20.06 -4.45 -35.85
CA ALA A 278 18.87 -5.07 -36.42
C ALA A 278 18.36 -4.32 -37.65
N ASP A 279 18.16 -3.02 -37.52
CA ASP A 279 17.58 -2.22 -38.58
C ASP A 279 18.52 -1.06 -38.93
N MET A 280 18.02 -0.16 -39.80
CA MET A 280 18.82 0.98 -40.21
C MET A 280 18.98 2.00 -39.10
N CYS A 281 17.97 2.13 -38.22
CA CYS A 281 18.10 3.02 -37.07
C CYS A 281 19.25 2.57 -36.17
N ALA A 282 19.33 1.25 -35.92
CA ALA A 282 20.40 0.74 -35.08
C ALA A 282 21.75 0.81 -35.77
N GLN A 283 21.77 0.80 -37.10
CA GLN A 283 23.04 0.94 -37.83
C GLN A 283 23.66 2.31 -37.59
N ILE A 284 22.84 3.33 -37.40
CA ILE A 284 23.36 4.64 -37.02
C ILE A 284 24.02 4.57 -35.66
N THR A 285 23.36 3.89 -34.71
CA THR A 285 23.95 3.70 -33.39
C THR A 285 25.23 2.89 -33.47
N LYS A 286 25.26 1.88 -34.36
CA LYS A 286 26.45 1.05 -34.50
C LYS A 286 27.65 1.87 -34.96
N ARG A 287 27.46 2.70 -35.99
CA ARG A 287 28.56 3.52 -36.48
C ARG A 287 29.01 4.53 -35.43
N LYS A 288 28.07 5.12 -34.71
CA LYS A 288 28.44 6.06 -33.65
C LYS A 288 29.23 5.36 -32.55
N TRP A 289 28.74 4.21 -32.08
CA TRP A 289 29.44 3.47 -31.04
C TRP A 289 30.76 2.91 -31.53
N GLU A 290 30.89 2.68 -32.84
CA GLU A 290 32.17 2.21 -33.38
C GLU A 290 33.23 3.31 -33.34
N ALA A 291 32.85 4.54 -33.70
CA ALA A 291 33.81 5.64 -33.71
C ALA A 291 34.25 5.98 -32.29
N ALA A 292 33.33 5.89 -31.33
CA ALA A 292 33.67 6.12 -29.93
C ALA A 292 34.38 4.93 -29.29
N HIS A 293 34.57 3.84 -30.04
CA HIS A 293 35.24 2.64 -29.53
C HIS A 293 34.53 2.11 -28.29
N VAL A 294 33.20 2.05 -28.36
CA VAL A 294 32.42 1.59 -27.22
C VAL A 294 32.70 0.12 -26.92
N ALA A 295 32.84 -0.69 -27.97
CA ALA A 295 33.08 -2.12 -27.78
C ALA A 295 34.34 -2.37 -26.97
N GLU A 296 35.39 -1.60 -27.22
CA GLU A 296 36.63 -1.75 -26.46
C GLU A 296 36.42 -1.42 -24.99
N GLN A 297 35.58 -0.43 -24.71
CA GLN A 297 35.30 -0.08 -23.32
C GLN A 297 34.47 -1.15 -22.63
N GLN A 298 33.47 -1.70 -23.35
CA GLN A 298 32.63 -2.74 -22.75
C GLN A 298 33.41 -4.04 -22.57
N ARG A 299 34.30 -4.36 -23.51
CA ARG A 299 35.09 -5.58 -23.40
C ARG A 299 35.99 -5.54 -22.16
N ALA A 300 36.63 -4.39 -21.91
CA ALA A 300 37.49 -4.27 -20.74
C ALA A 300 36.69 -4.37 -19.45
N TYR A 301 35.48 -3.78 -19.43
CA TYR A 301 34.65 -3.85 -18.23
C TYR A 301 34.11 -5.26 -18.02
N LEU A 302 33.68 -5.93 -19.10
CA LEU A 302 33.14 -7.27 -18.96
C LEU A 302 34.19 -8.25 -18.46
N GLU A 303 35.38 -8.20 -19.05
CA GLU A 303 36.44 -9.11 -18.65
C GLU A 303 37.10 -8.71 -17.34
N GLY A 304 36.86 -7.48 -16.87
CA GLY A 304 37.51 -7.00 -15.66
C GLY A 304 36.56 -6.83 -14.49
N THR A 305 35.89 -5.66 -14.42
CA THR A 305 35.08 -5.35 -13.26
C THR A 305 33.91 -6.32 -13.09
N CYS A 306 33.30 -6.76 -14.19
CA CYS A 306 32.19 -7.69 -14.10
C CYS A 306 32.62 -9.00 -13.48
N VAL A 307 33.76 -9.55 -13.93
CA VAL A 307 34.26 -10.80 -13.37
C VAL A 307 34.69 -10.58 -11.92
N ASP A 308 35.35 -9.46 -11.64
CA ASP A 308 35.78 -9.18 -10.27
C ASP A 308 34.58 -9.01 -9.33
N GLY A 309 33.51 -8.40 -9.82
CA GLY A 309 32.32 -8.24 -8.99
C GLY A 309 31.55 -9.54 -8.81
N LEU A 310 31.49 -10.35 -9.86
CA LEU A 310 30.83 -11.65 -9.75
C LEU A 310 31.58 -12.59 -8.82
N ARG A 311 32.92 -12.52 -8.85
CA ARG A 311 33.71 -13.34 -7.94
C ARG A 311 33.50 -12.93 -6.49
N ARG A 312 33.34 -11.62 -6.24
CA ARG A 312 33.11 -11.16 -4.88
C ARG A 312 31.73 -11.58 -4.38
N TYR A 313 30.72 -11.50 -5.24
CA TYR A 313 29.37 -11.87 -4.81
C TYR A 313 29.27 -13.38 -4.55
N LEU A 314 29.93 -14.18 -5.38
CA LEU A 314 29.88 -15.63 -5.19
C LEU A 314 30.52 -16.05 -3.87
N GLU A 315 31.47 -15.26 -3.36
CA GLU A 315 32.08 -15.57 -2.08
C GLU A 315 31.18 -15.15 -0.92
N ASN A 316 30.78 -13.87 -0.90
CA ASN A 316 29.97 -13.37 0.22
C ASN A 316 28.67 -14.15 0.35
N GLY A 317 28.09 -14.59 -0.77
CA GLY A 317 26.90 -15.41 -0.73
C GLY A 317 27.20 -16.86 -1.05
N LYS A 318 28.29 -17.39 -0.49
CA LYS A 318 28.71 -18.75 -0.78
C LYS A 318 27.64 -19.76 -0.37
N GLU A 319 27.14 -19.64 0.85
CA GLU A 319 26.15 -20.59 1.35
C GLU A 319 24.84 -20.52 0.57
N THR A 320 24.62 -19.44 -0.19
CA THR A 320 23.41 -19.28 -0.98
C THR A 320 23.64 -19.57 -2.46
N LEU A 321 24.60 -18.86 -3.07
CA LEU A 321 24.77 -18.95 -4.52
C LEU A 321 25.50 -20.22 -4.94
N GLN A 322 26.44 -20.70 -4.14
CA GLN A 322 27.20 -21.90 -4.48
C GLN A 322 26.58 -23.18 -3.93
N ARG A 323 25.30 -23.14 -3.58
CA ARG A 323 24.57 -24.32 -3.16
C ARG A 323 23.90 -24.98 -4.37
N THR A 324 23.58 -26.26 -4.21
CA THR A 324 22.86 -27.02 -5.23
C THR A 324 21.73 -27.77 -4.53
N ASP A 325 20.51 -27.25 -4.66
CA ASP A 325 19.33 -27.91 -4.12
C ASP A 325 18.82 -28.93 -5.13
N PRO A 326 18.79 -30.22 -4.79
CA PRO A 326 18.30 -31.22 -5.75
C PRO A 326 16.78 -31.28 -5.73
N PRO A 327 16.17 -31.65 -6.86
CA PRO A 327 14.70 -31.65 -6.92
C PRO A 327 14.10 -32.78 -6.10
N LYS A 328 13.02 -32.46 -5.39
CA LYS A 328 12.21 -33.46 -4.70
C LYS A 328 11.19 -33.98 -5.70
N THR A 329 11.43 -35.19 -6.19
CA THR A 329 10.68 -35.73 -7.32
C THR A 329 9.63 -36.75 -6.86
N HIS A 330 8.50 -36.76 -7.55
CA HIS A 330 7.44 -37.73 -7.32
C HIS A 330 6.53 -37.74 -8.54
N MET A 331 5.80 -38.84 -8.71
CA MET A 331 4.92 -39.04 -9.86
C MET A 331 3.50 -39.30 -9.40
N THR A 332 2.55 -38.83 -10.21
CA THR A 332 1.12 -38.98 -9.93
C THR A 332 0.45 -39.70 -11.09
N HIS A 333 -0.56 -40.50 -10.76
CA HIS A 333 -1.33 -41.26 -11.75
C HIS A 333 -2.81 -41.06 -11.45
N HIS A 334 -3.48 -40.25 -12.28
CA HIS A 334 -4.91 -39.98 -12.12
C HIS A 334 -5.57 -40.09 -13.49
N PRO A 335 -6.56 -40.95 -13.66
CA PRO A 335 -7.17 -41.13 -14.98
C PRO A 335 -8.11 -39.99 -15.34
N ILE A 336 -8.11 -39.64 -16.63
CA ILE A 336 -9.05 -38.64 -17.15
C ILE A 336 -10.29 -39.28 -17.76
N SER A 337 -10.29 -40.60 -17.93
CA SER A 337 -11.42 -41.35 -18.49
C SER A 337 -11.11 -42.83 -18.27
N ASP A 338 -11.90 -43.70 -18.91
CA ASP A 338 -11.57 -45.12 -18.93
C ASP A 338 -10.65 -45.48 -20.09
N HIS A 339 -10.53 -44.62 -21.10
CA HIS A 339 -9.63 -44.87 -22.21
C HIS A 339 -8.20 -44.41 -21.89
N GLU A 340 -8.07 -43.23 -21.29
CA GLU A 340 -6.78 -42.59 -21.09
C GLU A 340 -6.51 -42.35 -19.61
N ALA A 341 -5.29 -41.94 -19.32
CA ALA A 341 -4.86 -41.61 -17.96
C ALA A 341 -3.67 -40.66 -18.06
N THR A 342 -3.56 -39.77 -17.09
CA THR A 342 -2.55 -38.72 -17.09
C THR A 342 -1.47 -39.04 -16.06
N LEU A 343 -0.20 -39.00 -16.51
CA LEU A 343 0.96 -39.15 -15.63
C LEU A 343 1.72 -37.84 -15.59
N ARG A 344 1.93 -37.32 -14.38
CA ARG A 344 2.63 -36.06 -14.18
C ARG A 344 3.90 -36.31 -13.38
N CYS A 345 5.04 -35.86 -13.92
CA CYS A 345 6.33 -35.99 -13.27
C CYS A 345 6.69 -34.67 -12.61
N TRP A 346 6.75 -34.66 -11.28
CA TRP A 346 6.95 -33.44 -10.52
C TRP A 346 8.41 -33.28 -10.11
N ALA A 347 8.87 -32.03 -10.07
CA ALA A 347 10.19 -31.68 -9.58
C ALA A 347 10.06 -30.40 -8.76
N LEU A 348 10.41 -30.46 -7.48
CA LEU A 348 10.13 -29.38 -6.55
C LEU A 348 11.40 -29.01 -5.77
N GLY A 349 11.50 -27.72 -5.44
CA GLY A 349 12.51 -27.25 -4.51
C GLY A 349 13.94 -27.39 -4.99
N PHE A 350 14.18 -27.22 -6.29
CA PHE A 350 15.51 -27.34 -6.84
C PHE A 350 16.08 -25.96 -7.18
N TYR A 351 17.40 -25.86 -7.13
CA TYR A 351 18.14 -24.66 -7.49
C TYR A 351 19.47 -25.15 -8.06
N PRO A 352 19.94 -24.59 -9.20
CA PRO A 352 19.31 -23.51 -9.97
C PRO A 352 18.12 -23.96 -10.82
N ALA A 353 17.60 -23.04 -11.63
CA ALA A 353 16.37 -23.29 -12.36
C ALA A 353 16.54 -24.26 -13.53
N GLU A 354 17.77 -24.43 -14.02
CA GLU A 354 18.00 -25.32 -15.14
C GLU A 354 17.66 -26.76 -14.76
N ILE A 355 16.83 -27.40 -15.58
CA ILE A 355 16.39 -28.77 -15.32
C ILE A 355 15.83 -29.32 -16.62
N THR A 356 15.77 -30.66 -16.72
CA THR A 356 15.25 -31.32 -17.91
C THR A 356 14.39 -32.49 -17.47
N LEU A 357 13.13 -32.52 -17.93
CA LEU A 357 12.19 -33.58 -17.63
C LEU A 357 11.67 -34.17 -18.93
N THR A 358 11.81 -35.49 -19.08
CA THR A 358 11.40 -36.17 -20.29
C THR A 358 10.75 -37.50 -19.94
N TRP A 359 9.81 -37.92 -20.78
CA TRP A 359 9.13 -39.20 -20.59
C TRP A 359 9.70 -40.25 -21.56
N ASP A 365 11.27 -41.69 -27.24
CA ASP A 365 10.81 -40.47 -26.60
C ASP A 365 9.99 -39.61 -27.56
N GLN A 366 8.81 -39.19 -27.12
CA GLN A 366 7.90 -38.39 -27.93
C GLN A 366 7.77 -37.00 -27.30
N THR A 367 8.16 -35.97 -28.05
CA THR A 367 8.07 -34.59 -27.59
C THR A 367 6.76 -33.91 -27.99
N GLN A 368 6.01 -34.49 -28.93
CA GLN A 368 4.75 -33.89 -29.36
C GLN A 368 3.59 -34.26 -28.46
N ASP A 369 3.72 -35.32 -27.66
CA ASP A 369 2.65 -35.78 -26.78
C ASP A 369 2.91 -35.43 -25.31
N THR A 370 3.81 -34.48 -25.05
CA THR A 370 4.18 -34.10 -23.70
C THR A 370 3.86 -32.63 -23.48
N GLU A 371 3.15 -32.34 -22.40
CA GLU A 371 2.91 -30.96 -21.97
C GLU A 371 4.02 -30.55 -21.02
N LEU A 372 4.72 -29.47 -21.35
CA LEU A 372 5.90 -29.03 -20.61
C LEU A 372 5.68 -27.58 -20.17
N VAL A 373 5.34 -27.39 -18.89
CA VAL A 373 5.17 -26.03 -18.38
C VAL A 373 6.53 -25.37 -18.20
N GLU A 374 6.55 -24.05 -18.35
CA GLU A 374 7.77 -23.29 -18.11
C GLU A 374 8.17 -23.40 -16.64
N THR A 375 9.48 -23.45 -16.39
CA THR A 375 9.98 -23.52 -15.04
C THR A 375 9.53 -22.29 -14.24
N ARG A 376 8.90 -22.54 -13.09
CA ARG A 376 8.30 -21.48 -12.31
C ARG A 376 8.98 -21.37 -10.95
N PRO A 377 9.02 -20.17 -10.36
CA PRO A 377 9.62 -20.01 -9.04
C PRO A 377 8.64 -20.37 -7.93
N ALA A 378 9.17 -20.98 -6.87
CA ALA A 378 8.35 -21.31 -5.71
C ALA A 378 8.16 -20.13 -4.78
N GLY A 379 8.98 -19.10 -4.91
CA GLY A 379 8.90 -17.93 -4.05
C GLY A 379 9.88 -17.92 -2.90
N ASP A 380 10.61 -19.02 -2.69
CA ASP A 380 11.60 -19.11 -1.62
C ASP A 380 13.02 -19.25 -2.14
N GLY A 381 13.27 -18.97 -3.41
CA GLY A 381 14.56 -19.14 -4.01
C GLY A 381 14.69 -20.40 -4.86
N THR A 382 13.80 -21.37 -4.67
CA THR A 382 13.82 -22.60 -5.45
C THR A 382 12.83 -22.49 -6.60
N PHE A 383 12.79 -23.53 -7.44
CA PHE A 383 11.98 -23.52 -8.65
C PHE A 383 11.20 -24.83 -8.76
N GLN A 384 10.20 -24.81 -9.63
CA GLN A 384 9.32 -25.95 -9.85
C GLN A 384 9.13 -26.17 -11.35
N LYS A 385 8.72 -27.38 -11.70
CA LYS A 385 8.43 -27.77 -13.07
C LYS A 385 7.78 -29.14 -13.06
N TRP A 386 6.99 -29.43 -14.09
CA TRP A 386 6.42 -30.77 -14.23
C TRP A 386 6.17 -31.07 -15.70
N ALA A 387 6.13 -32.36 -16.00
CA ALA A 387 5.87 -32.88 -17.34
C ALA A 387 4.71 -33.85 -17.29
N ALA A 388 3.79 -33.73 -18.24
CA ALA A 388 2.61 -34.57 -18.28
C ALA A 388 2.50 -35.27 -19.63
N VAL A 389 1.79 -36.39 -19.62
CA VAL A 389 1.55 -37.18 -20.83
C VAL A 389 0.27 -37.97 -20.64
N VAL A 390 -0.60 -37.94 -21.64
CA VAL A 390 -1.79 -38.79 -21.63
C VAL A 390 -1.40 -40.17 -22.15
N VAL A 391 -1.93 -41.21 -21.52
CA VAL A 391 -1.44 -42.56 -21.72
C VAL A 391 -2.63 -43.52 -21.74
N PRO A 392 -2.65 -44.49 -22.66
CA PRO A 392 -3.76 -45.47 -22.65
C PRO A 392 -3.77 -46.25 -21.34
N SER A 393 -4.94 -46.35 -20.73
CA SER A 393 -5.08 -46.99 -19.43
C SER A 393 -4.63 -48.44 -19.50
N GLY A 394 -3.84 -48.85 -18.52
CA GLY A 394 -3.29 -50.19 -18.45
C GLY A 394 -1.82 -50.29 -18.83
N GLU A 395 -1.28 -49.29 -19.51
CA GLU A 395 0.12 -49.26 -19.93
C GLU A 395 0.92 -48.26 -19.10
N GLU A 396 0.61 -48.16 -17.81
CA GLU A 396 1.26 -47.19 -16.93
C GLU A 396 2.69 -47.61 -16.58
N GLN A 397 2.89 -48.89 -16.27
CA GLN A 397 4.19 -49.38 -15.84
C GLN A 397 5.24 -49.40 -16.95
N ARG A 398 4.88 -48.99 -18.17
CA ARG A 398 5.83 -48.97 -19.28
C ARG A 398 6.47 -47.60 -19.48
N TYR A 399 5.97 -46.56 -18.81
CA TYR A 399 6.48 -45.21 -18.96
C TYR A 399 7.42 -44.85 -17.81
N THR A 400 8.40 -44.01 -18.12
CA THR A 400 9.39 -43.58 -17.14
C THR A 400 9.71 -42.11 -17.36
N CYS A 401 10.10 -41.44 -16.27
CA CYS A 401 10.45 -40.03 -16.30
C CYS A 401 11.95 -39.87 -16.10
N HIS A 402 12.58 -39.11 -16.99
CA HIS A 402 14.01 -38.84 -16.92
C HIS A 402 14.23 -37.47 -16.29
N VAL A 403 14.92 -37.44 -15.15
CA VAL A 403 15.18 -36.22 -14.41
C VAL A 403 16.66 -35.89 -14.53
N GLN A 404 16.95 -34.70 -15.03
CA GLN A 404 18.33 -34.22 -15.18
C GLN A 404 18.48 -32.89 -14.44
N HIS A 405 19.47 -32.83 -13.55
CA HIS A 405 19.72 -31.63 -12.76
C HIS A 405 21.15 -31.69 -12.25
N GLU A 406 21.80 -30.53 -12.19
CA GLU A 406 23.20 -30.50 -11.76
C GLU A 406 23.36 -30.80 -10.28
N GLY A 407 22.30 -30.66 -9.49
CA GLY A 407 22.34 -31.05 -8.09
C GLY A 407 22.21 -32.53 -7.84
N LEU A 408 22.06 -33.33 -8.90
CA LEU A 408 22.00 -34.78 -8.78
C LEU A 408 23.29 -35.39 -9.31
N PRO A 409 24.02 -36.15 -8.49
CA PRO A 409 25.17 -36.90 -9.03
C PRO A 409 24.84 -37.72 -10.27
N LYS A 410 23.66 -38.34 -10.30
CA LYS A 410 23.26 -39.16 -11.44
C LYS A 410 21.86 -38.78 -11.89
N PRO A 411 21.61 -38.74 -13.20
CA PRO A 411 20.25 -38.46 -13.69
C PRO A 411 19.30 -39.59 -13.30
N LEU A 412 18.15 -39.21 -12.75
CA LEU A 412 17.20 -40.17 -12.20
C LEU A 412 16.26 -40.70 -13.27
N THR A 413 15.78 -41.92 -13.05
CA THR A 413 14.76 -42.55 -13.90
C THR A 413 13.71 -43.16 -12.99
N LEU A 414 12.47 -42.70 -13.12
CA LEU A 414 11.39 -43.18 -12.28
C LEU A 414 10.22 -43.70 -13.11
N GLU B 1 -28.04 -18.65 -16.30
CA GLU B 1 -27.29 -18.66 -15.06
C GLU B 1 -27.35 -17.30 -14.38
N VAL B 2 -26.65 -16.31 -14.96
CA VAL B 2 -26.57 -14.97 -14.40
C VAL B 2 -26.72 -13.96 -15.52
N LYS B 3 -27.63 -13.00 -15.34
CA LYS B 3 -27.85 -11.93 -16.30
C LYS B 3 -27.60 -10.59 -15.64
N LEU B 4 -26.90 -9.70 -16.34
CA LEU B 4 -26.53 -8.38 -15.83
C LEU B 4 -27.24 -7.32 -16.65
N VAL B 5 -28.14 -6.58 -16.01
CA VAL B 5 -28.90 -5.52 -16.66
C VAL B 5 -28.25 -4.18 -16.35
N GLU B 6 -27.75 -3.50 -17.37
CA GLU B 6 -27.09 -2.22 -17.23
C GLU B 6 -28.03 -1.08 -17.61
N SER B 7 -27.83 0.07 -16.99
CA SER B 7 -28.61 1.26 -17.30
C SER B 7 -27.80 2.48 -16.89
N GLY B 8 -28.20 3.63 -17.43
CA GLY B 8 -27.51 4.88 -17.14
C GLY B 8 -26.68 5.38 -18.30
N GLY B 9 -25.64 6.14 -18.01
CA GLY B 9 -24.81 6.70 -19.07
C GLY B 9 -25.50 7.87 -19.75
N GLY B 10 -24.86 8.35 -20.81
CA GLY B 10 -25.40 9.42 -21.60
C GLY B 10 -24.31 10.33 -22.12
N LEU B 11 -24.70 11.54 -22.50
CA LEU B 11 -23.83 12.52 -23.12
C LEU B 11 -23.75 13.75 -22.24
N VAL B 12 -22.53 14.16 -21.88
CA VAL B 12 -22.29 15.24 -20.92
C VAL B 12 -21.05 16.01 -21.36
N GLN B 13 -20.95 17.27 -20.92
CA GLN B 13 -19.80 18.13 -21.17
C GLN B 13 -18.76 17.98 -20.05
N PRO B 14 -17.51 18.38 -20.30
CA PRO B 14 -16.49 18.25 -19.25
C PRO B 14 -16.87 18.97 -17.97
N GLY B 15 -16.53 18.35 -16.84
CA GLY B 15 -16.92 18.83 -15.54
C GLY B 15 -18.27 18.32 -15.06
N GLY B 16 -19.07 17.76 -15.95
CA GLY B 16 -20.38 17.25 -15.58
C GLY B 16 -20.30 15.91 -14.88
N SER B 17 -21.47 15.43 -14.48
CA SER B 17 -21.58 14.20 -13.70
C SER B 17 -22.55 13.24 -14.38
N LEU B 18 -22.35 11.95 -14.12
CA LEU B 18 -23.20 10.91 -14.68
C LEU B 18 -23.28 9.75 -13.70
N ARG B 19 -24.35 8.96 -13.84
CA ARG B 19 -24.60 7.82 -12.97
C ARG B 19 -24.67 6.54 -13.81
N LEU B 20 -24.40 5.42 -13.14
CA LEU B 20 -24.50 4.10 -13.75
C LEU B 20 -25.08 3.13 -12.72
N SER B 21 -25.75 2.09 -13.22
CA SER B 21 -26.29 1.07 -12.36
C SER B 21 -26.29 -0.27 -13.09
N CYS B 22 -26.12 -1.35 -12.34
CA CYS B 22 -26.11 -2.69 -12.91
C CYS B 22 -26.76 -3.64 -11.91
N ALA B 23 -27.74 -4.42 -12.39
CA ALA B 23 -28.45 -5.36 -11.55
C ALA B 23 -28.20 -6.78 -12.04
N ALA B 24 -28.14 -7.72 -11.09
CA ALA B 24 -27.89 -9.13 -11.37
C ALA B 24 -29.18 -9.92 -11.20
N SER B 25 -29.51 -10.72 -12.21
CA SER B 25 -30.69 -11.56 -12.19
C SER B 25 -30.28 -13.02 -12.07
N GLY B 26 -30.97 -13.76 -11.20
CA GLY B 26 -30.65 -15.15 -10.98
C GLY B 26 -30.76 -15.54 -9.51
N SER B 27 -29.84 -16.36 -9.04
CA SER B 27 -29.85 -16.75 -7.63
C SER B 27 -29.53 -15.57 -6.73
N ILE B 28 -30.06 -15.60 -5.51
CA ILE B 28 -29.93 -14.46 -4.60
C ILE B 28 -28.48 -14.28 -4.18
N PHE B 29 -27.82 -15.37 -3.75
CA PHE B 29 -26.42 -15.33 -3.34
C PHE B 29 -25.50 -15.86 -4.44
N SER B 30 -25.79 -15.49 -5.69
CA SER B 30 -25.04 -16.02 -6.83
C SER B 30 -23.79 -15.21 -7.16
N ILE B 31 -23.73 -13.94 -6.78
CA ILE B 31 -22.71 -13.02 -7.25
C ILE B 31 -22.02 -12.38 -6.07
N ASN B 32 -20.69 -12.32 -6.11
CA ASN B 32 -19.89 -11.65 -5.09
C ASN B 32 -19.48 -10.26 -5.57
N THR B 33 -18.38 -10.17 -6.30
CA THR B 33 -17.85 -8.88 -6.74
C THR B 33 -18.64 -8.36 -7.93
N MET B 34 -19.05 -7.10 -7.85
CA MET B 34 -19.69 -6.40 -8.97
C MET B 34 -18.96 -5.10 -9.22
N GLY B 35 -18.89 -4.71 -10.49
CA GLY B 35 -18.21 -3.48 -10.82
C GLY B 35 -18.22 -3.21 -12.31
N TRP B 36 -17.32 -2.33 -12.73
CA TRP B 36 -17.29 -1.83 -14.10
C TRP B 36 -15.87 -1.84 -14.64
N TYR B 37 -15.71 -2.34 -15.85
CA TYR B 37 -14.55 -2.07 -16.69
C TYR B 37 -15.00 -1.19 -17.84
N ARG B 38 -14.06 -0.43 -18.41
CA ARG B 38 -14.38 0.44 -19.53
C ARG B 38 -13.44 0.15 -20.69
N GLN B 39 -13.98 0.22 -21.90
CA GLN B 39 -13.24 -0.14 -23.10
C GLN B 39 -12.26 0.96 -23.46
N THR B 40 -10.97 0.61 -23.53
CA THR B 40 -9.98 1.52 -24.04
C THR B 40 -10.11 1.62 -25.56
N PRO B 41 -9.54 2.66 -26.17
CA PRO B 41 -9.52 2.71 -27.65
C PRO B 41 -8.86 1.49 -28.27
N GLY B 42 -7.97 0.82 -27.54
CA GLY B 42 -7.35 -0.39 -28.02
C GLY B 42 -8.21 -1.62 -27.85
N LYS B 43 -7.59 -2.73 -27.46
CA LYS B 43 -8.29 -4.01 -27.35
C LYS B 43 -8.80 -4.29 -25.94
N GLN B 44 -8.05 -3.87 -24.92
CA GLN B 44 -8.35 -4.27 -23.55
C GLN B 44 -9.34 -3.32 -22.89
N ARG B 45 -9.88 -3.76 -21.76
CA ARG B 45 -10.72 -2.94 -20.91
C ARG B 45 -10.04 -2.79 -19.56
N ASP B 46 -10.16 -1.60 -18.96
CA ASP B 46 -9.51 -1.27 -17.71
C ASP B 46 -10.53 -1.19 -16.58
N LEU B 47 -10.09 -1.58 -15.38
CA LEU B 47 -10.97 -1.55 -14.22
C LEU B 47 -11.32 -0.12 -13.86
N VAL B 48 -12.61 0.15 -13.65
CA VAL B 48 -13.08 1.46 -13.22
C VAL B 48 -13.30 1.43 -11.72
N ALA B 49 -14.13 0.50 -11.26
CA ALA B 49 -14.42 0.31 -9.85
C ALA B 49 -15.23 -0.96 -9.67
N ASP B 50 -14.96 -1.70 -8.61
CA ASP B 50 -15.75 -2.86 -8.24
C ASP B 50 -15.91 -2.91 -6.73
N ILE B 51 -16.82 -3.77 -6.26
CA ILE B 51 -17.12 -3.89 -4.85
C ILE B 51 -17.63 -5.30 -4.58
N SER B 52 -17.16 -5.89 -3.48
CA SER B 52 -17.60 -7.20 -3.08
C SER B 52 -18.88 -7.11 -2.25
N SER B 53 -19.45 -8.28 -1.93
CA SER B 53 -20.65 -8.31 -1.11
C SER B 53 -20.41 -7.78 0.29
N GLY B 54 -19.16 -7.76 0.75
CA GLY B 54 -18.81 -7.20 2.04
C GLY B 54 -18.51 -5.72 2.04
N GLY B 55 -18.40 -5.11 0.86
CA GLY B 55 -18.16 -3.69 0.76
C GLY B 55 -16.75 -3.28 0.39
N SER B 56 -15.83 -4.23 0.24
CA SER B 56 -14.47 -3.90 -0.15
C SER B 56 -14.43 -3.44 -1.60
N THR B 57 -13.81 -2.29 -1.84
CA THR B 57 -13.81 -1.68 -3.16
C THR B 57 -12.38 -1.42 -3.62
N LYS B 58 -12.23 -1.26 -4.93
CA LYS B 58 -11.00 -0.83 -5.57
C LYS B 58 -11.37 0.09 -6.73
N TYR B 59 -10.58 1.14 -6.92
CA TYR B 59 -10.77 2.07 -8.02
C TYR B 59 -9.56 2.06 -8.93
N GLY B 60 -9.80 2.26 -10.23
CA GLY B 60 -8.71 2.57 -11.13
C GLY B 60 -8.09 3.90 -10.76
N ASP B 61 -6.77 4.01 -10.96
CA ASP B 61 -6.05 5.19 -10.49
C ASP B 61 -6.56 6.45 -11.18
N SER B 62 -6.96 6.34 -12.46
CA SER B 62 -7.37 7.51 -13.21
C SER B 62 -8.74 8.04 -12.80
N VAL B 63 -9.49 7.30 -11.99
CA VAL B 63 -10.84 7.70 -11.58
C VAL B 63 -10.96 7.81 -10.07
N LYS B 64 -9.86 7.65 -9.33
CA LYS B 64 -9.90 7.76 -7.88
C LYS B 64 -10.29 9.18 -7.46
N GLY B 65 -11.19 9.26 -6.48
CA GLY B 65 -11.67 10.53 -5.99
C GLY B 65 -12.78 11.16 -6.80
N ARG B 66 -12.90 10.82 -8.09
CA ARG B 66 -13.95 11.36 -8.92
C ARG B 66 -15.15 10.42 -9.01
N PHE B 67 -14.89 9.11 -9.13
CA PHE B 67 -15.95 8.12 -9.23
C PHE B 67 -16.14 7.46 -7.87
N THR B 68 -17.39 7.17 -7.53
CA THR B 68 -17.74 6.52 -6.27
C THR B 68 -18.72 5.40 -6.55
N ILE B 69 -18.44 4.22 -6.01
CA ILE B 69 -19.25 3.03 -6.23
C ILE B 69 -20.00 2.69 -4.95
N SER B 70 -21.23 2.23 -5.10
CA SER B 70 -22.07 1.81 -3.98
C SER B 70 -22.83 0.56 -4.39
N ARG B 71 -23.46 -0.09 -3.40
CA ARG B 71 -24.08 -1.38 -3.66
C ARG B 71 -25.25 -1.61 -2.70
N ASP B 72 -26.30 -2.24 -3.22
CA ASP B 72 -27.43 -2.72 -2.41
C ASP B 72 -27.51 -4.23 -2.60
N ASN B 73 -27.10 -4.97 -1.57
CA ASN B 73 -27.07 -6.43 -1.66
C ASN B 73 -28.49 -7.01 -1.74
N THR B 74 -29.48 -6.32 -1.16
CA THR B 74 -30.85 -6.81 -1.20
C THR B 74 -31.42 -6.83 -2.60
N LYS B 75 -30.84 -6.07 -3.54
CA LYS B 75 -31.30 -6.04 -4.92
C LYS B 75 -30.22 -6.48 -5.90
N ASN B 76 -29.06 -6.92 -5.40
CA ASN B 76 -27.95 -7.33 -6.25
C ASN B 76 -27.61 -6.27 -7.28
N THR B 77 -27.59 -5.01 -6.83
CA THR B 77 -27.44 -3.87 -7.72
C THR B 77 -26.29 -2.99 -7.23
N VAL B 78 -25.43 -2.58 -8.17
CA VAL B 78 -24.35 -1.65 -7.89
C VAL B 78 -24.65 -0.34 -8.59
N TYR B 79 -24.11 0.75 -8.05
CA TYR B 79 -24.27 2.08 -8.61
C TYR B 79 -22.91 2.76 -8.70
N LEU B 80 -22.72 3.54 -9.75
CA LEU B 80 -21.47 4.27 -9.97
C LEU B 80 -21.79 5.74 -10.16
N GLN B 81 -21.32 6.57 -9.23
CA GLN B 81 -21.48 8.02 -9.30
C GLN B 81 -20.21 8.63 -9.89
N MET B 82 -20.30 9.11 -11.13
CA MET B 82 -19.16 9.71 -11.82
C MET B 82 -19.27 11.21 -11.77
N ASN B 83 -18.22 11.88 -11.28
CA ASN B 83 -18.16 13.32 -11.21
C ASN B 83 -16.89 13.80 -11.91
N SER B 84 -16.87 15.10 -12.22
CA SER B 84 -15.71 15.76 -12.82
C SER B 84 -15.25 15.02 -14.07
N LEU B 85 -16.22 14.68 -14.92
CA LEU B 85 -15.93 13.88 -16.10
C LEU B 85 -15.05 14.65 -17.09
N LYS B 86 -14.16 13.91 -17.75
CA LYS B 86 -13.23 14.42 -18.74
C LYS B 86 -13.42 13.68 -20.06
N PRO B 87 -12.96 14.26 -21.17
CA PRO B 87 -13.08 13.55 -22.46
C PRO B 87 -12.48 12.16 -22.46
N GLU B 88 -11.39 11.94 -21.70
CA GLU B 88 -10.78 10.63 -21.63
C GLU B 88 -11.63 9.62 -20.86
N ASP B 89 -12.68 10.07 -20.17
CA ASP B 89 -13.63 9.14 -19.56
C ASP B 89 -14.61 8.55 -20.57
N THR B 90 -14.59 9.04 -21.81
CA THR B 90 -15.51 8.56 -22.84
C THR B 90 -15.14 7.15 -23.26
N ALA B 91 -16.04 6.20 -23.02
CA ALA B 91 -15.81 4.80 -23.34
C ALA B 91 -17.11 4.04 -23.13
N VAL B 92 -17.11 2.79 -23.56
CA VAL B 92 -18.19 1.85 -23.25
C VAL B 92 -17.84 1.18 -21.92
N TYR B 93 -18.72 1.33 -20.93
CA TYR B 93 -18.48 0.81 -19.59
C TYR B 93 -19.21 -0.53 -19.44
N TYR B 94 -18.45 -1.60 -19.26
CA TYR B 94 -19.02 -2.93 -19.09
C TYR B 94 -19.22 -3.23 -17.61
N CYS B 95 -20.43 -3.63 -17.25
CA CYS B 95 -20.67 -4.16 -15.92
C CYS B 95 -20.19 -5.61 -15.87
N TYR B 96 -19.78 -6.05 -14.69
CA TYR B 96 -19.26 -7.40 -14.54
C TYR B 96 -19.51 -7.92 -13.14
N GLY B 97 -19.63 -9.24 -13.03
CA GLY B 97 -19.81 -9.88 -11.75
C GLY B 97 -18.96 -11.13 -11.65
N LEU B 98 -18.65 -11.50 -10.41
CA LEU B 98 -17.83 -12.68 -10.12
C LEU B 98 -18.62 -13.62 -9.21
N SER B 99 -18.84 -14.84 -9.68
CA SER B 99 -19.45 -15.85 -8.84
C SER B 99 -18.49 -16.23 -7.71
N TYR B 100 -19.05 -16.86 -6.68
CA TYR B 100 -18.23 -17.32 -5.57
C TYR B 100 -17.27 -18.44 -5.97
N SER B 101 -17.40 -18.97 -7.19
CA SER B 101 -16.46 -19.93 -7.74
C SER B 101 -15.51 -19.29 -8.76
N ASN B 102 -15.42 -17.95 -8.75
CA ASN B 102 -14.52 -17.19 -9.60
C ASN B 102 -14.89 -17.29 -11.08
N ASP B 103 -16.17 -17.41 -11.38
CA ASP B 103 -16.66 -17.31 -12.75
C ASP B 103 -17.08 -15.87 -13.03
N ASP B 104 -16.66 -15.34 -14.17
CA ASP B 104 -16.95 -13.95 -14.52
C ASP B 104 -18.14 -13.87 -15.46
N TYR B 105 -18.97 -12.86 -15.24
CA TYR B 105 -20.09 -12.53 -16.11
C TYR B 105 -19.97 -11.07 -16.53
N TRP B 106 -20.45 -10.77 -17.74
CA TRP B 106 -20.22 -9.45 -18.32
C TRP B 106 -21.50 -8.96 -18.99
N GLY B 107 -21.81 -7.68 -18.75
CA GLY B 107 -22.87 -7.02 -19.48
C GLY B 107 -22.39 -6.54 -20.84
N GLN B 108 -23.35 -6.12 -21.67
CA GLN B 108 -23.03 -5.71 -23.03
C GLN B 108 -22.44 -4.31 -23.10
N GLY B 109 -22.52 -3.54 -22.03
CA GLY B 109 -21.88 -2.24 -21.97
C GLY B 109 -22.87 -1.09 -22.04
N THR B 110 -22.41 0.08 -21.59
CA THR B 110 -23.19 1.30 -21.61
C THR B 110 -22.28 2.45 -22.02
N GLN B 111 -22.76 3.28 -22.95
CA GLN B 111 -21.94 4.31 -23.54
C GLN B 111 -21.92 5.58 -22.68
N VAL B 112 -20.72 6.12 -22.47
CA VAL B 112 -20.53 7.39 -21.78
C VAL B 112 -19.68 8.27 -22.69
N THR B 113 -20.14 9.50 -22.92
CA THR B 113 -19.48 10.42 -23.85
C THR B 113 -19.35 11.79 -23.21
N VAL B 114 -18.16 12.39 -23.30
CA VAL B 114 -17.85 13.67 -22.69
C VAL B 114 -17.28 14.57 -23.78
N SER B 115 -18.14 15.27 -24.50
CA SER B 115 -17.76 16.24 -25.53
C SER B 115 -16.64 15.77 -26.45
N TYR C 1 2.94 28.75 0.51
CA TYR C 1 3.38 28.10 1.74
C TYR C 1 4.05 29.11 2.68
N PRO C 2 3.87 28.92 3.99
CA PRO C 2 4.46 29.85 4.95
C PRO C 2 5.96 29.93 4.79
N PRO C 3 6.54 31.12 4.99
CA PRO C 3 7.98 31.32 4.73
C PRO C 3 8.93 30.56 5.65
N VAL C 4 8.72 30.65 6.97
CA VAL C 4 9.60 30.05 7.97
C VAL C 4 11.04 30.50 7.73
N PRO C 5 11.43 31.70 8.16
CA PRO C 5 12.71 32.27 7.70
C PRO C 5 13.95 31.72 8.40
N GLU C 6 13.86 31.34 9.66
CA GLU C 6 15.07 31.08 10.43
C GLU C 6 14.95 29.79 11.24
N THR C 7 16.11 29.30 11.69
CA THR C 7 16.20 28.15 12.57
C THR C 7 16.20 28.60 14.03
N PHE C 8 16.23 27.63 14.94
CA PHE C 8 16.19 27.91 16.37
C PHE C 8 17.57 28.33 16.89
N ILE C 24 3.98 14.25 29.23
CA ILE C 24 4.08 14.70 27.85
C ILE C 24 3.34 13.74 26.92
N GLN C 25 2.99 12.57 27.45
CA GLN C 25 2.31 11.54 26.68
C GLN C 25 0.82 11.56 26.97
N ARG C 26 0.01 11.30 25.93
CA ARG C 26 -1.43 11.30 26.06
C ARG C 26 -1.99 10.09 25.31
N THR C 27 -2.87 9.34 25.97
CA THR C 27 -3.46 8.15 25.36
C THR C 27 -4.57 8.55 24.39
N PRO C 28 -4.76 7.77 23.32
CA PRO C 28 -5.76 8.13 22.32
C PRO C 28 -7.18 7.85 22.79
N LYS C 29 -8.11 8.69 22.31
CA LYS C 29 -9.53 8.45 22.46
C LYS C 29 -10.04 7.79 21.18
N ILE C 30 -10.82 6.73 21.33
CA ILE C 30 -11.23 5.88 20.22
C ILE C 30 -12.73 6.00 20.03
N GLN C 31 -13.16 6.20 18.79
CA GLN C 31 -14.57 6.20 18.42
C GLN C 31 -14.74 5.39 17.15
N VAL C 32 -15.51 4.32 17.23
CA VAL C 32 -15.80 3.45 16.09
C VAL C 32 -17.27 3.62 15.71
N TYR C 33 -17.53 3.91 14.45
CA TYR C 33 -18.87 4.27 14.01
C TYR C 33 -18.91 4.20 12.49
N SER C 34 -20.12 4.17 11.96
CA SER C 34 -20.34 4.21 10.52
C SER C 34 -20.63 5.64 10.08
N ARG C 35 -20.41 5.90 8.78
CA ARG C 35 -20.70 7.22 8.24
C ARG C 35 -22.19 7.50 8.28
N HIS C 36 -23.00 6.57 7.78
CA HIS C 36 -24.45 6.63 7.81
C HIS C 36 -24.98 5.55 8.73
N PRO C 37 -26.25 5.64 9.15
CA PRO C 37 -26.84 4.55 9.94
C PRO C 37 -26.77 3.23 9.19
N ALA C 38 -26.44 2.17 9.92
CA ALA C 38 -26.17 0.87 9.30
C ALA C 38 -27.48 0.22 8.85
N GLU C 39 -27.52 -0.20 7.59
CA GLU C 39 -28.61 -0.99 7.06
C GLU C 39 -28.02 -2.22 6.39
N ASN C 40 -28.54 -3.40 6.74
CA ASN C 40 -28.01 -4.65 6.21
C ASN C 40 -28.09 -4.67 4.70
N GLY C 41 -26.97 -5.03 4.07
CA GLY C 41 -26.90 -5.11 2.62
C GLY C 41 -26.71 -3.80 1.90
N LYS C 42 -26.54 -2.69 2.62
CA LYS C 42 -26.35 -1.38 2.02
C LYS C 42 -24.93 -0.90 2.28
N SER C 43 -24.25 -0.49 1.22
CA SER C 43 -22.85 -0.07 1.34
C SER C 43 -22.73 1.14 2.25
N ASN C 44 -21.62 1.21 2.97
CA ASN C 44 -21.40 2.24 3.99
C ASN C 44 -19.90 2.44 4.15
N PHE C 45 -19.51 3.13 5.22
CA PHE C 45 -18.12 3.36 5.55
C PHE C 45 -17.93 3.11 7.04
N LEU C 46 -16.97 2.25 7.38
CA LEU C 46 -16.63 1.97 8.77
C LEU C 46 -15.51 2.91 9.20
N ASN C 47 -15.75 3.70 10.24
CA ASN C 47 -14.83 4.72 10.70
C ASN C 47 -14.24 4.35 12.05
N CYS C 48 -12.98 4.73 12.25
CA CYS C 48 -12.35 4.71 13.57
C CYS C 48 -11.58 6.00 13.73
N TYR C 49 -12.04 6.86 14.63
CA TYR C 49 -11.45 8.19 14.84
C TYR C 49 -10.64 8.17 16.12
N VAL C 50 -9.32 8.29 15.99
CA VAL C 50 -8.41 8.41 17.12
C VAL C 50 -8.01 9.87 17.26
N SER C 51 -8.05 10.38 18.49
CA SER C 51 -7.76 11.79 18.72
C SER C 51 -7.26 11.97 20.15
N GLY C 52 -6.62 13.12 20.37
CA GLY C 52 -6.15 13.48 21.70
C GLY C 52 -4.98 12.66 22.21
N PHE C 53 -4.07 12.28 21.33
CA PHE C 53 -2.93 11.46 21.72
C PHE C 53 -1.62 12.17 21.38
N HIS C 54 -0.54 11.68 21.99
CA HIS C 54 0.81 12.19 21.79
C HIS C 54 1.80 11.16 22.33
N PRO C 55 2.86 10.82 21.59
CA PRO C 55 3.23 11.35 20.27
C PRO C 55 2.37 10.82 19.12
N SER C 56 2.83 11.08 17.89
CA SER C 56 1.98 10.88 16.71
C SER C 56 1.92 9.41 16.29
N ASP C 57 3.03 8.67 16.44
CA ASP C 57 3.08 7.30 15.96
C ASP C 57 2.01 6.45 16.64
N ILE C 58 1.27 5.70 15.82
CA ILE C 58 0.12 4.94 16.32
C ILE C 58 -0.20 3.85 15.32
N GLU C 59 -0.68 2.71 15.82
CA GLU C 59 -1.13 1.60 15.00
C GLU C 59 -2.63 1.43 15.17
N VAL C 60 -3.37 1.52 14.07
CA VAL C 60 -4.83 1.40 14.09
C VAL C 60 -5.24 0.36 13.06
N ASP C 61 -6.02 -0.63 13.48
CA ASP C 61 -6.52 -1.68 12.59
C ASP C 61 -8.04 -1.74 12.69
N LEU C 62 -8.68 -2.03 11.56
CA LEU C 62 -10.10 -2.32 11.52
C LEU C 62 -10.29 -3.82 11.48
N LEU C 63 -11.09 -4.35 12.41
CA LEU C 63 -11.30 -5.78 12.54
C LEU C 63 -12.67 -6.17 12.01
N LYS C 64 -12.73 -7.36 11.41
CA LYS C 64 -13.99 -7.92 10.94
C LYS C 64 -13.96 -9.41 11.23
N ASN C 65 -14.86 -9.87 12.12
CA ASN C 65 -15.02 -11.28 12.45
C ASN C 65 -13.70 -11.91 12.89
N GLY C 66 -12.95 -11.17 13.70
CA GLY C 66 -11.76 -11.71 14.32
C GLY C 66 -10.48 -11.63 13.52
N GLU C 67 -10.45 -10.82 12.46
CA GLU C 67 -9.23 -10.67 11.69
C GLU C 67 -9.17 -9.26 11.10
N ARG C 68 -7.96 -8.89 10.68
CA ARG C 68 -7.70 -7.53 10.21
C ARG C 68 -8.30 -7.32 8.83
N ILE C 69 -8.87 -6.13 8.62
CA ILE C 69 -9.27 -5.70 7.30
C ILE C 69 -8.04 -5.15 6.59
N GLU C 70 -7.66 -5.78 5.49
CA GLU C 70 -6.33 -5.55 4.92
C GLU C 70 -6.21 -4.15 4.33
N LYS C 71 -7.16 -3.75 3.49
CA LYS C 71 -7.10 -2.44 2.84
C LYS C 71 -7.87 -1.44 3.67
N VAL C 72 -7.15 -0.58 4.39
CA VAL C 72 -7.73 0.45 5.23
C VAL C 72 -7.04 1.77 4.92
N GLU C 73 -7.82 2.80 4.62
CA GLU C 73 -7.31 4.12 4.34
C GLU C 73 -7.37 4.98 5.59
N HIS C 74 -6.57 6.05 5.61
CA HIS C 74 -6.56 6.96 6.75
C HIS C 74 -6.24 8.37 6.27
N SER C 75 -6.70 9.34 7.04
CA SER C 75 -6.45 10.74 6.75
C SER C 75 -4.99 11.09 7.03
N ASP C 76 -4.58 12.26 6.55
CA ASP C 76 -3.24 12.75 6.80
C ASP C 76 -3.12 13.27 8.23
N LEU C 77 -1.92 13.16 8.78
CA LEU C 77 -1.71 13.52 10.18
C LEU C 77 -1.92 15.00 10.40
N SER C 78 -2.77 15.33 11.37
CA SER C 78 -3.02 16.71 11.78
C SER C 78 -3.14 16.73 13.30
N PHE C 79 -3.33 17.93 13.86
CA PHE C 79 -3.44 18.07 15.30
C PHE C 79 -4.39 19.22 15.63
N SER C 80 -4.84 19.23 16.90
CA SER C 80 -5.77 20.22 17.38
C SER C 80 -5.01 21.44 17.91
N LYS C 81 -5.73 22.35 18.58
CA LYS C 81 -5.09 23.55 19.11
C LYS C 81 -4.16 23.24 20.27
N ASP C 82 -4.44 22.18 21.04
CA ASP C 82 -3.60 21.76 22.15
C ASP C 82 -2.47 20.84 21.72
N TRP C 83 -2.20 20.75 20.42
CA TRP C 83 -1.11 19.98 19.80
C TRP C 83 -1.34 18.48 19.80
N SER C 84 -2.44 17.99 20.37
CA SER C 84 -2.71 16.56 20.33
C SER C 84 -3.16 16.16 18.93
N PHE C 85 -2.69 14.99 18.49
CA PHE C 85 -2.93 14.55 17.12
C PHE C 85 -4.27 13.86 16.98
N TYR C 86 -4.75 13.80 15.74
CA TYR C 86 -5.98 13.08 15.42
C TYR C 86 -5.86 12.46 14.04
N LEU C 87 -6.51 11.31 13.87
CA LEU C 87 -6.50 10.59 12.60
C LEU C 87 -7.83 9.88 12.44
N LEU C 88 -8.28 9.76 11.19
CA LEU C 88 -9.50 9.02 10.86
C LEU C 88 -9.12 7.84 9.98
N TYR C 89 -9.24 6.63 10.51
CA TYR C 89 -9.06 5.42 9.73
C TYR C 89 -10.42 4.94 9.24
N TYR C 90 -10.48 4.52 7.99
CA TYR C 90 -11.78 4.23 7.40
C TYR C 90 -11.60 3.26 6.23
N THR C 91 -12.70 2.57 5.92
CA THR C 91 -12.80 1.73 4.74
C THR C 91 -14.28 1.54 4.42
N GLU C 92 -14.57 1.34 3.15
CA GLU C 92 -15.94 1.08 2.75
C GLU C 92 -16.31 -0.37 3.08
N PHE C 93 -17.54 -0.58 3.51
CA PHE C 93 -17.98 -1.92 3.90
C PHE C 93 -19.49 -2.01 3.76
N THR C 94 -19.97 -3.25 3.76
CA THR C 94 -21.40 -3.53 3.72
C THR C 94 -21.76 -4.41 4.91
N PRO C 95 -22.34 -3.84 5.98
CA PRO C 95 -22.62 -4.64 7.17
C PRO C 95 -23.78 -5.58 6.96
N THR C 96 -23.67 -6.78 7.52
CA THR C 96 -24.75 -7.74 7.57
C THR C 96 -25.10 -8.02 9.03
N GLU C 97 -26.05 -8.93 9.23
CA GLU C 97 -26.50 -9.23 10.59
C GLU C 97 -25.43 -9.98 11.39
N LYS C 98 -24.68 -10.86 10.73
CA LYS C 98 -23.72 -11.71 11.42
C LYS C 98 -22.35 -11.06 11.59
N ASP C 99 -22.00 -10.07 10.76
CA ASP C 99 -20.67 -9.48 10.83
C ASP C 99 -20.52 -8.63 12.08
N GLU C 100 -19.44 -8.88 12.81
CA GLU C 100 -19.07 -8.06 13.97
C GLU C 100 -17.78 -7.30 13.62
N TYR C 101 -17.78 -6.01 13.92
CA TYR C 101 -16.66 -5.13 13.59
C TYR C 101 -16.13 -4.49 14.86
N ALA C 102 -14.88 -4.05 14.79
CA ALA C 102 -14.21 -3.44 15.93
C ALA C 102 -13.00 -2.66 15.43
N CYS C 103 -12.41 -1.88 16.34
CA CYS C 103 -11.21 -1.11 16.05
C CYS C 103 -10.16 -1.42 17.11
N ARG C 104 -8.93 -1.70 16.67
CA ARG C 104 -7.82 -1.99 17.55
C ARG C 104 -6.77 -0.89 17.41
N VAL C 105 -6.32 -0.35 18.53
CA VAL C 105 -5.41 0.79 18.57
C VAL C 105 -4.23 0.44 19.46
N ASN C 106 -3.02 0.69 18.95
CA ASN C 106 -1.79 0.48 19.70
C ASN C 106 -1.03 1.80 19.82
N HIS C 107 -0.51 2.06 21.03
CA HIS C 107 0.17 3.32 21.30
C HIS C 107 1.16 3.09 22.44
N VAL C 108 2.08 4.06 22.61
CA VAL C 108 3.07 3.97 23.66
C VAL C 108 2.44 4.00 25.05
N THR C 109 1.22 4.51 25.17
CA THR C 109 0.54 4.64 26.45
C THR C 109 -0.28 3.41 26.82
N LEU C 110 -0.29 2.38 25.99
CA LEU C 110 -1.10 1.19 26.22
C LEU C 110 -0.18 0.01 26.49
N SER C 111 -0.43 -0.70 27.60
CA SER C 111 0.31 -1.93 27.87
C SER C 111 0.02 -3.00 26.82
N GLN C 112 -1.18 -2.99 26.26
CA GLN C 112 -1.57 -3.88 25.18
C GLN C 112 -2.59 -3.16 24.32
N PRO C 113 -2.74 -3.55 23.05
CA PRO C 113 -3.66 -2.84 22.16
C PRO C 113 -5.10 -2.90 22.67
N LYS C 114 -5.77 -1.74 22.66
CA LYS C 114 -7.15 -1.64 23.08
C LYS C 114 -8.09 -1.91 21.92
N ILE C 115 -9.16 -2.64 22.19
CA ILE C 115 -10.14 -3.02 21.18
C ILE C 115 -11.48 -2.41 21.57
N VAL C 116 -12.07 -1.64 20.66
CA VAL C 116 -13.39 -1.04 20.85
C VAL C 116 -14.32 -1.61 19.78
N LYS C 117 -15.33 -2.35 20.21
CA LYS C 117 -16.25 -2.98 19.28
C LYS C 117 -17.25 -1.98 18.71
N TRP C 118 -17.70 -2.25 17.49
CA TRP C 118 -18.65 -1.37 16.82
C TRP C 118 -20.06 -1.64 17.34
N ASP C 119 -20.76 -0.56 17.70
CA ASP C 119 -22.14 -0.63 18.14
C ASP C 119 -22.99 0.15 17.14
N ARG C 120 -23.91 -0.54 16.47
CA ARG C 120 -24.74 0.11 15.47
C ARG C 120 -25.66 1.15 16.09
N ASP C 121 -26.36 0.79 17.17
CA ASP C 121 -27.25 1.74 17.83
C ASP C 121 -26.48 2.88 18.47
N MET C 122 -25.23 2.65 18.87
CA MET C 122 -24.36 3.67 19.44
C MET C 122 -24.94 4.33 20.69
N GLY C 143 -20.25 34.34 7.78
CA GLY C 143 -19.36 34.08 8.88
C GLY C 143 -17.90 34.27 8.54
N SER C 144 -17.02 34.10 9.53
CA SER C 144 -15.60 34.27 9.33
C SER C 144 -15.00 33.02 8.67
N HIS C 145 -13.72 33.13 8.29
CA HIS C 145 -13.04 32.04 7.62
C HIS C 145 -11.56 32.06 8.02
N SER C 146 -10.94 30.89 7.96
CA SER C 146 -9.56 30.73 8.40
C SER C 146 -8.81 29.76 7.48
N MET C 147 -7.53 30.05 7.30
CA MET C 147 -6.61 29.14 6.61
C MET C 147 -5.53 28.71 7.59
N ARG C 148 -5.12 27.45 7.51
CA ARG C 148 -4.15 26.91 8.45
C ARG C 148 -3.17 25.99 7.74
N TYR C 149 -1.92 26.03 8.19
CA TYR C 149 -0.88 25.12 7.73
C TYR C 149 -0.28 24.45 8.96
N PHE C 150 -0.41 23.12 9.02
CA PHE C 150 0.14 22.34 10.12
C PHE C 150 1.30 21.48 9.60
N SER C 151 2.28 21.27 10.47
CA SER C 151 3.45 20.46 10.14
C SER C 151 3.88 19.67 11.36
N THR C 152 4.40 18.46 11.10
CA THR C 152 4.84 17.57 12.17
C THR C 152 6.12 16.87 11.73
N SER C 153 7.18 17.03 12.51
CA SER C 153 8.45 16.38 12.27
C SER C 153 8.74 15.44 13.43
N VAL C 154 8.92 14.15 13.14
CA VAL C 154 9.14 13.12 14.15
C VAL C 154 10.49 12.48 13.87
N SER C 155 11.44 12.69 14.78
CA SER C 155 12.76 12.10 14.62
C SER C 155 12.72 10.60 14.85
N ARG C 156 13.60 9.89 14.14
CA ARG C 156 13.70 8.43 14.22
C ARG C 156 15.17 8.05 14.17
N PRO C 157 15.88 8.17 15.29
CA PRO C 157 17.32 7.86 15.30
C PRO C 157 17.58 6.43 14.89
N GLY C 158 18.56 6.23 14.01
CA GLY C 158 18.89 4.92 13.49
C GLY C 158 18.00 4.43 12.37
N ARG C 159 16.86 5.08 12.12
CA ARG C 159 15.97 4.73 11.04
C ARG C 159 15.88 5.81 9.98
N GLY C 160 16.98 6.52 9.75
CA GLY C 160 17.02 7.56 8.73
C GLY C 160 16.63 8.92 9.28
N GLU C 161 16.25 9.79 8.36
CA GLU C 161 15.94 11.16 8.74
C GLU C 161 14.49 11.28 9.19
N PRO C 162 14.17 12.33 9.96
CA PRO C 162 12.84 12.45 10.54
C PRO C 162 11.74 12.48 9.48
N ARG C 163 10.56 12.05 9.89
CA ARG C 163 9.38 12.07 9.04
C ARG C 163 8.72 13.44 9.12
N PHE C 164 8.48 14.05 7.97
CA PHE C 164 7.89 15.38 7.89
C PHE C 164 6.55 15.28 7.15
N ILE C 165 5.47 15.66 7.82
CA ILE C 165 4.14 15.68 7.23
C ILE C 165 3.56 17.06 7.41
N ALA C 166 3.06 17.65 6.32
CA ALA C 166 2.46 18.97 6.35
C ALA C 166 1.09 18.92 5.70
N VAL C 167 0.14 19.66 6.26
CA VAL C 167 -1.22 19.73 5.75
C VAL C 167 -1.68 21.18 5.74
N GLY C 168 -2.54 21.50 4.77
CA GLY C 168 -3.10 22.84 4.66
C GLY C 168 -4.62 22.80 4.72
N TYR C 169 -5.19 23.71 5.48
CA TYR C 169 -6.62 23.72 5.73
C TYR C 169 -7.22 25.07 5.37
N VAL C 170 -8.47 25.04 4.94
CA VAL C 170 -9.32 26.22 4.83
C VAL C 170 -10.58 25.90 5.63
N ASP C 171 -10.75 26.56 6.77
CA ASP C 171 -11.79 26.23 7.75
C ASP C 171 -11.58 24.77 8.15
N ASP C 172 -12.55 23.88 7.95
CA ASP C 172 -12.40 22.48 8.29
C ASP C 172 -12.21 21.59 7.06
N THR C 173 -11.72 22.16 5.95
CA THR C 173 -11.51 21.43 4.72
C THR C 173 -10.04 21.46 4.35
N GLN C 174 -9.41 20.28 4.31
CA GLN C 174 -8.02 20.18 3.90
C GLN C 174 -7.92 20.24 2.38
N PHE C 175 -6.87 20.90 1.89
CA PHE C 175 -6.68 21.04 0.45
C PHE C 175 -5.29 20.68 -0.06
N VAL C 176 -4.28 20.60 0.80
CA VAL C 176 -2.94 20.20 0.38
C VAL C 176 -2.32 19.30 1.44
N ARG C 177 -1.30 18.55 1.02
CA ARG C 177 -0.57 17.67 1.91
C ARG C 177 0.83 17.46 1.36
N PHE C 178 1.75 17.13 2.26
CA PHE C 178 3.09 16.72 1.86
C PHE C 178 3.61 15.69 2.86
N ASP C 179 4.20 14.63 2.33
CA ASP C 179 4.75 13.54 3.14
C ASP C 179 6.16 13.26 2.64
N SER C 180 7.16 13.49 3.50
CA SER C 180 8.54 13.29 3.09
C SER C 180 8.85 11.83 2.76
N ASP C 181 8.02 10.90 3.22
CA ASP C 181 8.19 9.49 2.91
C ASP C 181 7.40 9.05 1.69
N ALA C 182 6.63 9.95 1.07
CA ALA C 182 5.84 9.60 -0.09
C ALA C 182 6.71 9.57 -1.35
N ALA C 183 6.29 8.75 -2.31
CA ALA C 183 7.08 8.57 -3.53
C ALA C 183 7.03 9.81 -4.43
N SER C 184 5.96 10.59 -4.33
CA SER C 184 5.81 11.72 -5.25
C SER C 184 6.80 12.83 -4.92
N GLN C 185 7.07 13.06 -3.64
CA GLN C 185 7.94 14.14 -3.19
C GLN C 185 7.47 15.49 -3.74
N ARG C 186 6.14 15.68 -3.72
CA ARG C 186 5.52 16.92 -4.16
C ARG C 186 4.38 17.26 -3.22
N MET C 187 3.99 18.53 -3.22
CA MET C 187 2.78 18.94 -2.53
C MET C 187 1.56 18.44 -3.30
N GLU C 188 0.72 17.64 -2.64
CA GLU C 188 -0.35 16.98 -3.37
C GLU C 188 -1.71 17.61 -3.05
N PRO C 189 -2.59 17.70 -4.04
CA PRO C 189 -3.93 18.26 -3.78
C PRO C 189 -4.80 17.28 -3.00
N ARG C 190 -5.60 17.82 -2.09
CA ARG C 190 -6.54 17.02 -1.32
C ARG C 190 -7.96 17.57 -1.38
N ALA C 191 -8.21 18.58 -2.21
CA ALA C 191 -9.52 19.14 -2.45
C ALA C 191 -9.70 19.37 -3.94
N PRO C 192 -10.91 19.18 -4.47
CA PRO C 192 -11.10 19.37 -5.91
C PRO C 192 -10.84 20.79 -6.38
N TRP C 193 -11.19 21.80 -5.58
CA TRP C 193 -11.08 23.19 -6.02
C TRP C 193 -9.63 23.69 -6.05
N ILE C 194 -8.68 22.92 -5.54
CA ILE C 194 -7.27 23.29 -5.63
C ILE C 194 -6.57 22.65 -6.82
N GLU C 195 -7.18 21.63 -7.43
CA GLU C 195 -6.62 21.03 -8.65
C GLU C 195 -6.61 21.99 -9.82
N GLN C 196 -7.29 23.14 -9.70
CA GLN C 196 -7.28 24.14 -10.77
C GLN C 196 -5.90 24.74 -10.96
N GLU C 197 -5.09 24.78 -9.90
CA GLU C 197 -3.83 25.52 -9.93
C GLU C 197 -2.85 24.91 -10.93
N GLY C 198 -2.07 25.77 -11.57
CA GLY C 198 -1.15 25.35 -12.59
C GLY C 198 0.18 24.88 -12.03
N PRO C 199 1.08 24.50 -12.93
CA PRO C 199 2.38 23.97 -12.49
C PRO C 199 3.23 24.98 -11.72
N GLU C 200 3.06 26.27 -11.98
CA GLU C 200 3.84 27.26 -11.24
C GLU C 200 3.44 27.30 -9.77
N TYR C 201 2.21 26.91 -9.46
CA TYR C 201 1.78 26.82 -8.07
C TYR C 201 2.38 25.61 -7.38
N TRP C 202 2.28 24.44 -8.03
CA TRP C 202 2.79 23.21 -7.41
C TRP C 202 4.31 23.20 -7.35
N ASP C 203 4.97 23.94 -8.24
CA ASP C 203 6.43 24.05 -8.16
C ASP C 203 6.84 24.91 -6.97
N GLU C 204 6.14 26.03 -6.75
CA GLU C 204 6.50 26.93 -5.65
C GLU C 204 6.16 26.30 -4.30
N GLU C 205 4.97 25.70 -4.18
CA GLU C 205 4.56 25.13 -2.90
C GLU C 205 5.43 23.94 -2.52
N THR C 206 5.79 23.10 -3.49
CA THR C 206 6.62 21.93 -3.21
C THR C 206 8.02 22.35 -2.75
N GLY C 207 8.63 23.30 -3.46
CA GLY C 207 9.97 23.74 -3.10
C GLY C 207 10.01 24.41 -1.74
N LYS C 208 8.91 25.05 -1.34
CA LYS C 208 8.89 25.75 -0.06
C LYS C 208 8.61 24.79 1.10
N VAL C 209 7.71 23.81 0.88
CA VAL C 209 7.45 22.84 1.94
C VAL C 209 8.65 21.92 2.14
N LYS C 210 9.46 21.73 1.10
CA LYS C 210 10.67 20.92 1.25
C LYS C 210 11.73 21.69 2.05
N ALA C 211 11.85 22.99 1.79
CA ALA C 211 12.78 23.80 2.57
C ALA C 211 12.37 23.86 4.04
N HIS C 212 11.06 23.92 4.30
CA HIS C 212 10.57 23.89 5.67
C HIS C 212 10.89 22.56 6.33
N SER C 213 10.82 21.46 5.57
CA SER C 213 11.16 20.16 6.12
C SER C 213 12.62 20.10 6.53
N GLN C 214 13.51 20.75 5.76
CA GLN C 214 14.92 20.79 6.12
C GLN C 214 15.18 21.75 7.26
N THR C 215 14.40 22.83 7.36
CA THR C 215 14.54 23.77 8.47
C THR C 215 14.20 23.09 9.79
N ASP C 216 13.05 22.44 9.86
CA ASP C 216 12.66 21.73 11.07
C ASP C 216 13.56 20.55 11.37
N ARG C 217 14.24 20.01 10.35
CA ARG C 217 15.23 18.96 10.59
C ARG C 217 16.37 19.47 11.46
N GLU C 218 17.03 20.55 11.01
CA GLU C 218 18.09 21.16 11.82
C GLU C 218 17.55 21.66 13.15
N ASN C 219 16.30 22.12 13.17
CA ASN C 219 15.69 22.55 14.42
C ASN C 219 15.58 21.41 15.42
N LEU C 220 15.38 20.18 14.95
CA LEU C 220 15.35 19.04 15.85
C LEU C 220 16.71 18.76 16.46
N ARG C 221 17.79 18.99 15.70
CA ARG C 221 19.13 18.82 16.25
C ARG C 221 19.45 19.92 17.26
N ILE C 222 18.96 21.13 17.02
CA ILE C 222 19.22 22.24 17.93
C ILE C 222 18.50 22.03 19.26
N ALA C 223 17.24 21.62 19.20
CA ALA C 223 16.49 21.36 20.44
C ALA C 223 17.10 20.20 21.21
N LEU C 224 17.63 19.20 20.52
CA LEU C 224 18.28 18.08 21.20
C LEU C 224 19.49 18.55 22.00
N ARG C 225 20.31 19.41 21.41
CA ARG C 225 21.52 19.88 22.10
C ARG C 225 21.18 20.86 23.21
N CYS C 226 20.18 21.71 22.98
CA CYS C 226 19.84 22.73 23.98
C CYS C 226 19.28 22.10 25.25
N TYR C 227 18.46 21.07 25.11
CA TYR C 227 17.88 20.39 26.27
C TYR C 227 18.79 19.29 26.81
N ASN C 228 19.93 19.03 26.16
CA ASN C 228 20.86 17.98 26.58
C ASN C 228 20.17 16.62 26.67
N GLN C 229 19.52 16.24 25.58
CA GLN C 229 18.77 14.99 25.51
C GLN C 229 19.56 13.93 24.75
N SER C 230 19.20 12.67 24.99
CA SER C 230 19.91 11.55 24.40
C SER C 230 19.74 11.53 22.88
N GLU C 231 20.75 10.97 22.20
CA GLU C 231 20.71 10.87 20.75
C GLU C 231 19.80 9.76 20.25
N ALA C 232 19.52 8.76 21.08
CA ALA C 232 18.71 7.61 20.67
C ALA C 232 17.22 7.84 20.89
N GLY C 233 16.82 8.99 21.41
CA GLY C 233 15.42 9.26 21.68
C GLY C 233 14.72 9.94 20.51
N SER C 234 13.44 9.62 20.35
CA SER C 234 12.61 10.18 19.30
C SER C 234 11.85 11.39 19.83
N HIS C 235 11.89 12.49 19.08
CA HIS C 235 11.26 13.74 19.50
C HIS C 235 10.40 14.28 18.37
N THR C 236 9.54 15.24 18.72
CA THR C 236 8.55 15.78 17.79
C THR C 236 8.63 17.30 17.79
N LEU C 237 8.55 17.89 16.59
CA LEU C 237 8.48 19.33 16.42
C LEU C 237 7.25 19.66 15.58
N GLN C 238 6.37 20.50 16.10
CA GLN C 238 5.14 20.88 15.44
C GLN C 238 5.15 22.36 15.13
N MET C 239 4.33 22.76 14.16
CA MET C 239 4.23 24.16 13.78
C MET C 239 2.84 24.46 13.24
N MET C 240 2.31 25.62 13.63
CA MET C 240 1.05 26.14 13.10
C MET C 240 1.32 27.47 12.41
N PHE C 241 0.62 27.71 11.30
CA PHE C 241 0.69 28.98 10.61
C PHE C 241 -0.62 29.22 9.88
N GLY C 242 -1.18 30.40 10.04
CA GLY C 242 -2.44 30.71 9.38
C GLY C 242 -2.96 32.07 9.79
N CYS C 243 -4.06 32.46 9.15
CA CYS C 243 -4.66 33.76 9.36
C CYS C 243 -6.18 33.64 9.32
N ASP C 244 -6.85 34.53 10.03
CA ASP C 244 -8.30 34.57 10.08
C ASP C 244 -8.81 35.82 9.37
N VAL C 245 -9.95 35.69 8.68
CA VAL C 245 -10.59 36.80 8.00
C VAL C 245 -12.08 36.77 8.33
N GLY C 246 -12.72 37.94 8.17
CA GLY C 246 -14.14 38.07 8.43
C GLY C 246 -14.99 37.89 7.19
N SER C 247 -16.25 38.30 7.30
CA SER C 247 -17.18 38.20 6.18
C SER C 247 -16.70 39.04 4.99
N ASP C 248 -16.09 40.18 5.28
CA ASP C 248 -15.61 41.09 4.24
C ASP C 248 -14.27 40.65 3.64
N GLY C 249 -13.66 39.60 4.16
CA GLY C 249 -12.37 39.16 3.67
C GLY C 249 -11.18 39.93 4.19
N ARG C 250 -11.39 40.81 5.17
CA ARG C 250 -10.31 41.59 5.73
C ARG C 250 -9.62 40.83 6.87
N PHE C 251 -8.36 41.18 7.11
CA PHE C 251 -7.56 40.46 8.10
C PHE C 251 -8.16 40.62 9.50
N LEU C 252 -8.14 39.51 10.26
CA LEU C 252 -8.61 39.52 11.63
C LEU C 252 -7.49 39.12 12.59
N ARG C 253 -7.02 37.86 12.56
CA ARG C 253 -5.95 37.42 13.43
C ARG C 253 -4.95 36.59 12.62
N GLY C 254 -3.69 36.65 13.05
CA GLY C 254 -2.65 35.84 12.45
C GLY C 254 -1.95 35.00 13.50
N TYR C 255 -1.39 33.88 13.07
CA TYR C 255 -0.78 32.92 13.99
C TYR C 255 0.50 32.34 13.40
N HIS C 256 1.44 32.05 14.28
CA HIS C 256 2.63 31.28 13.94
C HIS C 256 3.26 30.83 15.25
N GLN C 257 3.22 29.52 15.53
CA GLN C 257 3.76 29.02 16.78
C GLN C 257 4.35 27.63 16.58
N TYR C 258 5.22 27.26 17.51
CA TYR C 258 5.96 26.01 17.49
C TYR C 258 5.64 25.21 18.74
N ALA C 259 5.87 23.90 18.66
CA ALA C 259 5.68 23.02 19.81
C ALA C 259 6.72 21.90 19.74
N TYR C 260 7.34 21.62 20.88
CA TYR C 260 8.35 20.58 20.98
C TYR C 260 7.86 19.52 21.95
N ASP C 261 7.73 18.29 21.46
CA ASP C 261 7.30 17.14 22.26
C ASP C 261 5.95 17.40 22.93
N GLY C 262 5.05 18.07 22.22
CA GLY C 262 3.70 18.29 22.68
C GLY C 262 3.49 19.50 23.55
N LYS C 263 4.55 20.22 23.90
CA LYS C 263 4.46 21.40 24.74
C LYS C 263 4.86 22.64 23.93
N ASP C 264 4.34 23.79 24.37
CA ASP C 264 4.65 25.05 23.70
C ASP C 264 6.15 25.32 23.74
N TYR C 265 6.67 25.84 22.63
CA TYR C 265 8.07 26.26 22.55
C TYR C 265 8.16 27.76 22.34
N ILE C 266 7.87 28.24 21.13
CA ILE C 266 7.80 29.67 20.85
C ILE C 266 6.48 29.94 20.12
N ALA C 267 6.03 31.19 20.21
CA ALA C 267 4.76 31.57 19.61
C ALA C 267 4.75 33.07 19.34
N LEU C 268 4.28 33.45 18.16
CA LEU C 268 4.10 34.85 17.85
C LEU C 268 2.87 35.39 18.59
N LYS C 269 3.02 36.57 19.18
CA LYS C 269 1.94 37.15 19.97
C LYS C 269 0.81 37.65 19.05
N GLU C 270 -0.28 38.07 19.70
CA GLU C 270 -1.45 38.51 18.93
C GLU C 270 -1.17 39.77 18.15
N ASP C 271 -0.34 40.68 18.68
CA ASP C 271 0.02 41.89 17.97
C ASP C 271 0.97 41.64 16.82
N LEU C 272 1.49 40.42 16.67
CA LEU C 272 2.41 40.04 15.60
C LEU C 272 3.65 40.93 15.58
N ARG C 273 4.09 41.37 16.77
CA ARG C 273 5.28 42.21 16.89
C ARG C 273 6.36 41.62 17.78
N SER C 274 6.03 40.66 18.64
CA SER C 274 7.00 40.03 19.53
C SER C 274 6.63 38.56 19.71
N TRP C 275 7.46 37.85 20.48
CA TRP C 275 7.35 36.41 20.64
C TRP C 275 7.12 36.05 22.10
N THR C 276 6.52 34.88 22.30
CA THR C 276 6.32 34.30 23.64
C THR C 276 7.16 33.04 23.72
N ALA C 277 8.20 33.07 24.56
CA ALA C 277 9.08 31.93 24.75
C ALA C 277 8.63 31.13 25.96
N ALA C 278 8.58 29.80 25.81
CA ALA C 278 8.08 28.97 26.89
C ALA C 278 9.17 28.62 27.90
N ASP C 279 10.40 28.37 27.44
CA ASP C 279 11.50 28.05 28.33
C ASP C 279 12.75 28.84 27.96
N MET C 280 13.87 28.55 28.63
CA MET C 280 15.10 29.27 28.35
C MET C 280 15.67 28.90 26.98
N CYS C 281 15.41 27.68 26.52
CA CYS C 281 15.89 27.28 25.19
C CYS C 281 15.17 28.08 24.11
N ALA C 282 13.88 28.31 24.27
CA ALA C 282 13.15 29.14 23.31
C ALA C 282 13.49 30.61 23.45
N GLN C 283 14.02 31.03 24.60
CA GLN C 283 14.44 32.42 24.76
C GLN C 283 15.62 32.75 23.86
N ILE C 284 16.52 31.79 23.65
CA ILE C 284 17.62 32.00 22.71
C ILE C 284 17.08 32.14 21.29
N THR C 285 16.07 31.35 20.95
CA THR C 285 15.43 31.49 19.64
C THR C 285 14.74 32.85 19.51
N LYS C 286 14.14 33.33 20.61
CA LYS C 286 13.47 34.63 20.58
C LYS C 286 14.46 35.75 20.31
N ARG C 287 15.57 35.78 21.06
CA ARG C 287 16.59 36.80 20.83
C ARG C 287 17.20 36.67 19.44
N LYS C 288 17.32 35.45 18.92
CA LYS C 288 17.81 35.26 17.56
C LYS C 288 16.81 35.78 16.54
N TRP C 289 15.53 35.44 16.72
CA TRP C 289 14.51 35.91 15.79
C TRP C 289 14.19 37.39 15.96
N GLU C 290 14.53 37.97 17.11
CA GLU C 290 14.34 39.42 17.28
C GLU C 290 15.39 40.19 16.49
N ALA C 291 16.64 39.72 16.50
CA ALA C 291 17.70 40.41 15.76
C ALA C 291 17.50 40.27 14.26
N ALA C 292 17.08 39.09 13.81
CA ALA C 292 16.80 38.87 12.38
C ALA C 292 15.53 39.58 11.93
N HIS C 293 14.79 40.21 12.83
CA HIS C 293 13.57 40.94 12.51
C HIS C 293 12.54 40.02 11.84
N VAL C 294 12.31 38.88 12.48
CA VAL C 294 11.39 37.87 11.93
C VAL C 294 9.94 38.30 12.12
N ALA C 295 9.63 38.99 13.22
CA ALA C 295 8.25 39.32 13.53
C ALA C 295 7.61 40.18 12.44
N GLU C 296 8.35 41.16 11.93
CA GLU C 296 7.79 42.02 10.88
C GLU C 296 7.70 41.29 9.55
N GLN C 297 8.60 40.33 9.31
CA GLN C 297 8.51 39.54 8.08
C GLN C 297 7.26 38.66 8.10
N GLN C 298 6.99 38.01 9.22
CA GLN C 298 5.78 37.19 9.33
C GLN C 298 4.53 38.05 9.37
N ARG C 299 4.62 39.26 9.94
CA ARG C 299 3.46 40.15 9.96
C ARG C 299 3.07 40.57 8.55
N ALA C 300 4.05 40.88 7.70
CA ALA C 300 3.75 41.30 6.34
C ALA C 300 3.14 40.15 5.53
N TYR C 301 3.61 38.92 5.75
CA TYR C 301 3.07 37.78 5.04
C TYR C 301 1.68 37.41 5.57
N LEU C 302 1.50 37.50 6.89
CA LEU C 302 0.20 37.14 7.47
C LEU C 302 -0.89 38.11 7.04
N GLU C 303 -0.57 39.40 7.01
CA GLU C 303 -1.54 40.40 6.58
C GLU C 303 -1.61 40.55 5.06
N GLY C 304 -0.69 39.94 4.32
CA GLY C 304 -0.66 40.09 2.87
C GLY C 304 -0.98 38.82 2.12
N THR C 305 0.03 37.96 1.94
CA THR C 305 -0.15 36.77 1.12
C THR C 305 -1.16 35.81 1.74
N CYS C 306 -1.17 35.69 3.07
CA CYS C 306 -2.08 34.75 3.71
C CYS C 306 -3.54 35.13 3.48
N VAL C 307 -3.86 36.42 3.62
CA VAL C 307 -5.24 36.84 3.38
C VAL C 307 -5.54 36.88 1.89
N ASP C 308 -4.52 37.07 1.05
CA ASP C 308 -4.74 37.04 -0.38
C ASP C 308 -4.98 35.63 -0.88
N GLY C 309 -4.27 34.65 -0.31
CA GLY C 309 -4.49 33.27 -0.70
C GLY C 309 -5.81 32.71 -0.20
N LEU C 310 -6.22 33.11 1.01
CA LEU C 310 -7.50 32.67 1.55
C LEU C 310 -8.66 33.25 0.75
N ARG C 311 -8.52 34.49 0.29
CA ARG C 311 -9.57 35.09 -0.54
C ARG C 311 -9.71 34.36 -1.87
N ARG C 312 -8.59 33.95 -2.46
CA ARG C 312 -8.64 33.24 -3.73
C ARG C 312 -9.22 31.84 -3.56
N TYR C 313 -8.84 31.14 -2.49
CA TYR C 313 -9.35 29.80 -2.26
C TYR C 313 -10.85 29.81 -2.00
N LEU C 314 -11.32 30.78 -1.20
CA LEU C 314 -12.75 30.86 -0.90
C LEU C 314 -13.57 31.15 -2.16
N GLU C 315 -12.97 31.85 -3.13
CA GLU C 315 -13.68 32.14 -4.38
C GLU C 315 -13.74 30.91 -5.27
N ASN C 316 -12.60 30.25 -5.46
CA ASN C 316 -12.56 29.08 -6.35
C ASN C 316 -13.34 27.90 -5.78
N GLY C 317 -13.42 27.79 -4.45
CA GLY C 317 -14.20 26.74 -3.84
C GLY C 317 -15.47 27.27 -3.20
N LYS C 318 -16.21 28.12 -3.92
CA LYS C 318 -17.39 28.76 -3.36
C LYS C 318 -18.47 27.75 -3.02
N GLU C 319 -18.75 26.82 -3.95
CA GLU C 319 -19.79 25.83 -3.72
C GLU C 319 -19.44 24.83 -2.62
N THR C 320 -18.17 24.76 -2.22
CA THR C 320 -17.74 23.85 -1.17
C THR C 320 -17.45 24.56 0.15
N LEU C 321 -16.65 25.62 0.13
CA LEU C 321 -16.18 26.23 1.36
C LEU C 321 -17.23 27.15 1.98
N GLN C 322 -17.92 27.94 1.17
CA GLN C 322 -18.92 28.87 1.67
C GLN C 322 -20.30 28.23 1.83
N ARG C 323 -20.36 26.91 1.98
CA ARG C 323 -21.60 26.21 2.27
C ARG C 323 -21.76 26.03 3.77
N THR C 324 -23.02 25.90 4.20
CA THR C 324 -23.35 25.67 5.60
C THR C 324 -24.36 24.52 5.66
N ASP C 325 -23.86 23.33 5.97
CA ASP C 325 -24.72 22.16 6.13
C ASP C 325 -25.29 22.13 7.54
N PRO C 326 -26.61 22.28 7.69
CA PRO C 326 -27.21 22.21 9.03
C PRO C 326 -27.22 20.79 9.54
N PRO C 327 -27.26 20.59 10.87
CA PRO C 327 -27.25 19.23 11.40
C PRO C 327 -28.61 18.57 11.31
N LYS C 328 -28.59 17.27 11.02
CA LYS C 328 -29.80 16.43 11.05
C LYS C 328 -29.95 15.87 12.44
N THR C 329 -30.92 16.41 13.20
CA THR C 329 -31.04 16.13 14.62
C THR C 329 -32.15 15.12 14.89
N HIS C 330 -31.92 14.25 15.88
CA HIS C 330 -32.94 13.34 16.37
C HIS C 330 -32.56 12.96 17.80
N MET C 331 -33.45 12.22 18.46
CA MET C 331 -33.28 11.91 19.88
C MET C 331 -33.70 10.47 20.14
N THR C 332 -32.96 9.79 21.01
CA THR C 332 -33.26 8.43 21.41
C THR C 332 -33.51 8.38 22.92
N HIS C 333 -34.24 7.34 23.34
CA HIS C 333 -34.57 7.14 24.74
C HIS C 333 -34.50 5.64 25.05
N HIS C 334 -33.46 5.21 25.75
CA HIS C 334 -33.29 3.82 26.15
C HIS C 334 -33.03 3.78 27.65
N PRO C 335 -33.82 3.05 28.43
CA PRO C 335 -33.64 3.06 29.88
C PRO C 335 -32.45 2.23 30.31
N ILE C 336 -31.79 2.70 31.37
CA ILE C 336 -30.69 1.96 31.99
C ILE C 336 -31.15 1.14 33.18
N SER C 337 -32.32 1.42 33.73
CA SER C 337 -32.91 0.68 34.85
C SER C 337 -34.37 1.08 34.94
N ASP C 338 -35.02 0.68 36.04
CA ASP C 338 -36.40 1.09 36.28
C ASP C 338 -36.49 2.45 36.98
N HIS C 339 -35.37 2.96 37.50
CA HIS C 339 -35.36 4.26 38.16
C HIS C 339 -34.78 5.37 37.29
N GLU C 340 -33.93 5.04 36.33
CA GLU C 340 -33.28 6.03 35.48
C GLU C 340 -33.41 5.63 34.02
N ALA C 341 -33.12 6.58 33.14
CA ALA C 341 -33.15 6.36 31.70
C ALA C 341 -32.20 7.36 31.04
N THR C 342 -31.75 7.01 29.84
CA THR C 342 -30.74 7.79 29.12
C THR C 342 -31.36 8.43 27.88
N LEU C 343 -31.12 9.72 27.71
CA LEU C 343 -31.57 10.47 26.54
C LEU C 343 -30.36 11.01 25.80
N ARG C 344 -30.29 10.74 24.50
CA ARG C 344 -29.15 11.12 23.66
C ARG C 344 -29.62 12.06 22.57
N CYS C 345 -28.92 13.19 22.42
CA CYS C 345 -29.22 14.19 21.41
C CYS C 345 -28.20 14.09 20.29
N TRP C 346 -28.64 13.68 19.11
CA TRP C 346 -27.76 13.42 17.98
C TRP C 346 -27.71 14.61 17.03
N ALA C 347 -26.57 14.75 16.36
CA ALA C 347 -26.38 15.77 15.33
C ALA C 347 -25.47 15.18 14.25
N LEU C 348 -25.99 15.08 13.03
CA LEU C 348 -25.28 14.42 11.94
C LEU C 348 -25.22 15.31 10.70
N GLY C 349 -24.17 15.11 9.92
CA GLY C 349 -24.06 15.72 8.60
C GLY C 349 -24.01 17.23 8.58
N PHE C 350 -23.31 17.84 9.54
CA PHE C 350 -23.21 19.29 9.60
C PHE C 350 -21.79 19.75 9.26
N TYR C 351 -21.70 20.97 8.75
CA TYR C 351 -20.44 21.62 8.40
C TYR C 351 -20.66 23.12 8.58
N PRO C 352 -19.72 23.84 9.21
CA PRO C 352 -18.45 23.34 9.74
C PRO C 352 -18.59 22.55 11.05
N ALA C 353 -17.46 22.18 11.64
CA ALA C 353 -17.48 21.31 12.81
C ALA C 353 -17.93 22.01 14.08
N GLU C 354 -17.90 23.34 14.11
CA GLU C 354 -18.27 24.07 15.31
C GLU C 354 -19.75 23.88 15.61
N ILE C 355 -20.05 23.29 16.77
CA ILE C 355 -21.42 23.03 17.17
C ILE C 355 -21.45 22.99 18.70
N THR C 356 -22.63 23.25 19.27
CA THR C 356 -22.81 23.22 20.71
C THR C 356 -24.09 22.47 21.03
N LEU C 357 -23.98 21.45 21.87
CA LEU C 357 -25.12 20.65 22.29
C LEU C 357 -25.22 20.71 23.81
N THR C 358 -26.36 21.16 24.32
CA THR C 358 -26.58 21.28 25.75
C THR C 358 -27.97 20.77 26.11
N TRP C 359 -28.09 20.24 27.32
CA TRP C 359 -29.34 19.68 27.82
C TRP C 359 -29.97 20.63 28.83
N GLN C 360 -31.31 20.65 28.85
CA GLN C 360 -32.05 21.57 29.69
C GLN C 360 -33.26 20.86 30.29
N ARG C 361 -33.35 20.88 31.61
CA ARG C 361 -34.53 20.41 32.34
C ARG C 361 -35.20 21.63 32.95
N ASP C 362 -36.37 21.99 32.43
CA ASP C 362 -37.07 23.22 32.82
C ASP C 362 -36.20 24.45 32.55
N GLY C 363 -35.50 24.44 31.42
CA GLY C 363 -34.69 25.58 31.03
C GLY C 363 -33.40 25.75 31.78
N GLU C 364 -32.92 24.71 32.46
CA GLU C 364 -31.70 24.78 33.25
C GLU C 364 -30.61 23.96 32.58
N ASP C 365 -29.52 24.62 32.21
CA ASP C 365 -28.40 23.95 31.55
C ASP C 365 -27.52 23.31 32.62
N GLN C 366 -27.47 21.98 32.63
CA GLN C 366 -26.61 21.22 33.52
C GLN C 366 -25.34 20.86 32.78
N THR C 367 -24.18 21.24 33.33
CA THR C 367 -22.90 21.00 32.70
C THR C 367 -22.09 19.89 33.35
N GLN C 368 -22.55 19.36 34.48
CA GLN C 368 -21.83 18.32 35.19
C GLN C 368 -22.49 16.95 35.09
N ASP C 369 -23.61 16.84 34.38
CA ASP C 369 -24.35 15.58 34.27
C ASP C 369 -24.52 15.12 32.82
N THR C 370 -23.67 15.60 31.91
CA THR C 370 -23.76 15.26 30.50
C THR C 370 -22.48 14.57 30.05
N GLU C 371 -22.64 13.48 29.30
CA GLU C 371 -21.53 12.88 28.56
C GLU C 371 -21.51 13.48 27.16
N LEU C 372 -20.37 14.05 26.79
CA LEU C 372 -20.24 14.82 25.55
C LEU C 372 -19.00 14.35 24.80
N VAL C 373 -19.20 13.59 23.72
CA VAL C 373 -18.08 13.12 22.92
C VAL C 373 -17.55 14.27 22.07
N GLU C 374 -16.27 14.19 21.74
CA GLU C 374 -15.67 15.17 20.85
C GLU C 374 -16.25 15.05 19.45
N THR C 375 -16.26 16.17 18.73
CA THR C 375 -16.78 16.20 17.38
C THR C 375 -15.94 15.28 16.48
N ARG C 376 -16.60 14.33 15.83
CA ARG C 376 -15.92 13.36 14.99
C ARG C 376 -16.30 13.56 13.52
N PRO C 377 -15.38 13.32 12.59
CA PRO C 377 -15.69 13.45 11.18
C PRO C 377 -16.37 12.21 10.62
N ALA C 378 -17.27 12.44 9.66
CA ALA C 378 -17.94 11.35 8.98
C ALA C 378 -17.15 10.80 7.80
N GLY C 379 -16.16 11.53 7.31
CA GLY C 379 -15.36 11.11 6.18
C GLY C 379 -15.79 11.71 4.86
N ASP C 380 -16.92 12.41 4.81
CA ASP C 380 -17.43 12.99 3.58
C ASP C 380 -17.39 14.51 3.59
N GLY C 381 -16.70 15.11 4.55
CA GLY C 381 -16.68 16.55 4.72
C GLY C 381 -17.56 17.06 5.85
N THR C 382 -18.48 16.24 6.34
CA THR C 382 -19.37 16.62 7.43
C THR C 382 -18.88 16.03 8.75
N PHE C 383 -19.52 16.44 9.83
CA PHE C 383 -19.11 16.06 11.18
C PHE C 383 -20.31 15.59 11.98
N GLN C 384 -20.03 14.86 13.06
CA GLN C 384 -21.05 14.30 13.93
C GLN C 384 -20.68 14.57 15.38
N LYS C 385 -21.70 14.55 16.24
CA LYS C 385 -21.54 14.79 17.68
C LYS C 385 -22.85 14.48 18.38
N TRP C 386 -22.76 14.00 19.61
CA TRP C 386 -23.94 13.83 20.44
C TRP C 386 -23.63 14.20 21.88
N ALA C 387 -24.69 14.40 22.66
CA ALA C 387 -24.60 14.66 24.09
C ALA C 387 -25.72 13.91 24.78
N ALA C 388 -25.41 13.28 25.91
CA ALA C 388 -26.35 12.42 26.61
C ALA C 388 -26.52 12.90 28.05
N VAL C 389 -27.59 12.40 28.69
CA VAL C 389 -27.88 12.74 30.07
C VAL C 389 -28.77 11.64 30.65
N VAL C 390 -28.60 11.36 31.94
CA VAL C 390 -29.40 10.36 32.65
C VAL C 390 -30.53 11.09 33.36
N VAL C 391 -31.76 10.62 33.14
CA VAL C 391 -32.94 11.27 33.68
C VAL C 391 -33.76 10.26 34.48
N PRO C 392 -34.53 10.69 35.48
CA PRO C 392 -35.39 9.74 36.20
C PRO C 392 -36.59 9.36 35.35
N SER C 393 -36.91 8.06 35.36
CA SER C 393 -37.96 7.54 34.50
C SER C 393 -39.30 8.19 34.82
N GLY C 394 -40.04 8.52 33.75
CA GLY C 394 -41.31 9.20 33.87
C GLY C 394 -41.25 10.69 33.65
N GLU C 395 -40.08 11.30 33.82
CA GLU C 395 -39.89 12.73 33.64
C GLU C 395 -39.08 13.02 32.37
N GLU C 396 -39.36 12.26 31.31
CA GLU C 396 -38.63 12.48 30.06
C GLU C 396 -39.10 13.74 29.35
N GLN C 397 -40.39 14.06 29.45
CA GLN C 397 -40.95 15.22 28.77
C GLN C 397 -40.53 16.54 29.40
N ARG C 398 -39.66 16.54 30.40
CA ARG C 398 -39.19 17.75 31.03
C ARG C 398 -37.85 18.23 30.48
N TYR C 399 -37.13 17.38 29.75
CA TYR C 399 -35.81 17.71 29.24
C TYR C 399 -35.88 18.25 27.82
N THR C 400 -34.92 19.10 27.48
CA THR C 400 -34.83 19.70 26.15
C THR C 400 -33.37 19.81 25.75
N CYS C 401 -33.12 19.67 24.44
CA CYS C 401 -31.78 19.73 23.88
C CYS C 401 -31.62 21.01 23.06
N HIS C 402 -30.58 21.78 23.37
CA HIS C 402 -30.29 23.03 22.66
C HIS C 402 -29.20 22.77 21.64
N VAL C 403 -29.51 23.01 20.37
CA VAL C 403 -28.58 22.80 19.26
C VAL C 403 -28.24 24.15 18.64
N GLN C 404 -26.96 24.50 18.66
CA GLN C 404 -26.47 25.77 18.14
C GLN C 404 -25.51 25.49 16.99
N HIS C 405 -25.81 26.06 15.82
CA HIS C 405 -24.99 25.87 14.63
C HIS C 405 -25.26 27.02 13.67
N GLU C 406 -24.19 27.52 13.05
CA GLU C 406 -24.32 28.66 12.14
C GLU C 406 -25.09 28.30 10.87
N GLY C 407 -25.18 27.02 10.53
CA GLY C 407 -26.02 26.60 9.42
C GLY C 407 -27.50 26.64 9.71
N LEU C 408 -27.89 26.80 10.98
CA LEU C 408 -29.28 26.91 11.39
C LEU C 408 -29.67 28.37 11.52
N PRO C 409 -30.83 28.78 11.00
CA PRO C 409 -31.26 30.17 11.19
C PRO C 409 -31.51 30.52 12.65
N LYS C 410 -32.03 29.57 13.43
CA LYS C 410 -32.30 29.79 14.84
C LYS C 410 -31.89 28.55 15.62
N PRO C 411 -31.28 28.73 16.79
CA PRO C 411 -30.92 27.58 17.62
C PRO C 411 -32.15 26.77 18.00
N LEU C 412 -32.03 25.45 17.86
CA LEU C 412 -33.17 24.56 17.99
C LEU C 412 -33.33 24.04 19.42
N THR C 413 -34.54 23.56 19.70
CA THR C 413 -34.86 22.95 20.99
C THR C 413 -35.77 21.75 20.73
N LEU C 414 -35.30 20.56 21.07
CA LEU C 414 -36.02 19.32 20.82
C LEU C 414 -36.54 18.73 22.12
N ARG C 415 -37.50 17.81 21.98
CA ARG C 415 -38.11 17.16 23.13
C ARG C 415 -38.62 15.78 22.71
N TRP C 416 -38.81 14.93 23.71
CA TRP C 416 -39.32 13.57 23.47
C TRP C 416 -40.82 13.59 23.21
N GLU D 1 -12.43 -19.62 29.23
CA GLU D 1 -12.97 -19.50 27.88
C GLU D 1 -11.99 -20.07 26.86
N VAL D 2 -10.85 -19.41 26.70
CA VAL D 2 -9.82 -19.82 25.75
C VAL D 2 -8.46 -19.59 26.40
N LYS D 3 -7.64 -20.64 26.44
CA LYS D 3 -6.29 -20.57 26.98
C LYS D 3 -5.27 -20.75 25.85
N LEU D 4 -4.12 -20.10 26.01
CA LEU D 4 -3.06 -20.14 25.01
C LEU D 4 -1.81 -20.76 25.65
N VAL D 5 -1.41 -21.91 25.14
CA VAL D 5 -0.25 -22.63 25.65
C VAL D 5 0.96 -22.26 24.81
N GLU D 6 1.97 -21.67 25.45
CA GLU D 6 3.16 -21.20 24.76
C GLU D 6 4.35 -22.09 25.07
N SER D 7 5.33 -22.06 24.18
CA SER D 7 6.57 -22.82 24.31
C SER D 7 7.57 -22.32 23.29
N GLY D 8 8.85 -22.56 23.56
CA GLY D 8 9.90 -22.27 22.63
C GLY D 8 10.90 -21.17 23.03
N GLY D 9 10.93 -20.77 24.29
CA GLY D 9 11.88 -19.77 24.72
C GLY D 9 13.29 -20.33 24.90
N GLY D 10 14.27 -19.49 24.62
CA GLY D 10 15.66 -19.92 24.74
C GLY D 10 16.62 -18.77 24.65
N LEU D 11 17.90 -19.11 24.54
CA LEU D 11 18.99 -18.13 24.47
C LEU D 11 19.93 -18.52 23.35
N VAL D 12 20.26 -17.56 22.48
CA VAL D 12 21.08 -17.82 21.31
C VAL D 12 21.96 -16.60 21.05
N GLN D 13 23.16 -16.83 20.52
CA GLN D 13 24.05 -15.74 20.16
C GLN D 13 23.53 -15.00 18.93
N PRO D 14 23.98 -13.76 18.70
CA PRO D 14 23.56 -13.03 17.50
C PRO D 14 23.82 -13.82 16.23
N GLY D 15 22.87 -13.73 15.30
CA GLY D 15 22.93 -14.44 14.05
C GLY D 15 22.27 -15.80 14.06
N GLY D 16 22.04 -16.38 15.24
CA GLY D 16 21.42 -17.69 15.34
C GLY D 16 19.92 -17.63 15.10
N SER D 17 19.26 -18.74 15.44
CA SER D 17 17.85 -18.90 15.17
C SER D 17 17.13 -19.48 16.38
N LEU D 18 15.83 -19.22 16.45
CA LEU D 18 14.98 -19.74 17.51
C LEU D 18 13.59 -19.98 16.92
N ARG D 19 12.80 -20.77 17.64
CA ARG D 19 11.46 -21.14 17.18
C ARG D 19 10.45 -21.00 18.31
N LEU D 20 9.29 -20.46 17.98
CA LEU D 20 8.20 -20.30 18.93
C LEU D 20 6.98 -21.06 18.46
N SER D 21 6.09 -21.38 19.40
CA SER D 21 4.86 -22.11 19.11
C SER D 21 3.82 -21.75 20.15
N CYS D 22 2.56 -21.76 19.73
CA CYS D 22 1.45 -21.42 20.61
C CYS D 22 0.20 -22.17 20.17
N ALA D 23 -0.39 -22.93 21.10
CA ALA D 23 -1.59 -23.71 20.84
C ALA D 23 -2.75 -23.16 21.67
N ALA D 24 -3.96 -23.39 21.17
CA ALA D 24 -5.17 -22.91 21.83
C ALA D 24 -5.94 -24.09 22.43
N SER D 25 -6.44 -23.88 23.65
CA SER D 25 -7.22 -24.89 24.35
C SER D 25 -8.57 -24.29 24.76
N GLY D 26 -9.50 -25.16 25.11
CA GLY D 26 -10.85 -24.75 25.44
C GLY D 26 -11.74 -24.77 24.21
N SER D 27 -12.42 -23.66 23.96
CA SER D 27 -13.20 -23.50 22.73
C SER D 27 -12.22 -23.38 21.58
N ILE D 28 -11.94 -24.51 20.91
CA ILE D 28 -10.87 -24.56 19.92
C ILE D 28 -11.21 -23.69 18.72
N PHE D 29 -12.28 -24.03 18.01
CA PHE D 29 -12.64 -23.38 16.75
C PHE D 29 -13.14 -21.95 16.92
N SER D 30 -13.06 -21.33 18.10
CA SER D 30 -13.57 -19.98 18.30
C SER D 30 -12.57 -18.89 17.94
N ILE D 31 -11.31 -19.24 17.69
CA ILE D 31 -10.25 -18.27 17.46
C ILE D 31 -10.02 -18.13 15.96
N ASN D 32 -9.90 -16.89 15.50
CA ASN D 32 -9.56 -16.60 14.11
C ASN D 32 -8.08 -16.27 13.99
N THR D 33 -7.71 -15.05 14.36
CA THR D 33 -6.33 -14.60 14.23
C THR D 33 -5.50 -15.06 15.42
N MET D 34 -4.30 -15.57 15.14
CA MET D 34 -3.31 -15.89 16.15
C MET D 34 -1.99 -15.26 15.78
N GLY D 35 -1.18 -14.93 16.77
CA GLY D 35 0.10 -14.32 16.51
C GLY D 35 0.87 -14.01 17.78
N TRP D 36 1.85 -13.12 17.64
CA TRP D 36 2.76 -12.79 18.72
C TRP D 36 2.94 -11.28 18.83
N TYR D 37 2.85 -10.78 20.06
CA TYR D 37 3.29 -9.44 20.41
C TYR D 37 4.47 -9.56 21.38
N ARG D 38 5.46 -8.70 21.23
CA ARG D 38 6.65 -8.74 22.07
C ARG D 38 6.75 -7.47 22.89
N GLN D 39 7.15 -7.61 24.15
CA GLN D 39 7.22 -6.49 25.07
C GLN D 39 8.44 -5.63 24.79
N THR D 40 8.21 -4.34 24.62
CA THR D 40 9.31 -3.38 24.51
C THR D 40 9.78 -2.98 25.91
N PRO D 41 10.96 -2.37 26.03
CA PRO D 41 11.40 -1.89 27.35
C PRO D 41 10.40 -0.95 28.01
N GLY D 42 9.71 -0.14 27.23
CA GLY D 42 8.73 0.79 27.77
C GLY D 42 7.41 0.14 28.14
N LYS D 43 6.31 0.86 27.90
CA LYS D 43 5.01 0.37 28.33
C LYS D 43 4.40 -0.60 27.32
N GLN D 44 4.49 -0.28 26.04
CA GLN D 44 3.71 -0.99 25.03
C GLN D 44 4.43 -2.24 24.54
N ARG D 45 3.64 -3.16 24.00
CA ARG D 45 4.13 -4.34 23.30
C ARG D 45 3.91 -4.16 21.81
N ASP D 46 4.85 -4.65 21.01
CA ASP D 46 4.83 -4.46 19.56
C ASP D 46 4.43 -5.73 18.84
N LEU D 47 3.70 -5.58 17.74
CA LEU D 47 3.28 -6.72 16.94
C LEU D 47 4.49 -7.32 16.21
N VAL D 48 4.66 -8.64 16.36
CA VAL D 48 5.72 -9.35 15.67
C VAL D 48 5.17 -9.93 14.38
N ALA D 49 4.19 -10.82 14.51
CA ALA D 49 3.55 -11.46 13.37
C ALA D 49 2.27 -12.13 13.83
N ASP D 50 1.23 -12.04 13.01
CA ASP D 50 -0.01 -12.76 13.26
C ASP D 50 -0.48 -13.41 11.96
N ILE D 51 -1.46 -14.30 12.08
CA ILE D 51 -2.03 -14.98 10.93
C ILE D 51 -3.47 -15.36 11.23
N SER D 52 -4.34 -15.15 10.25
CA SER D 52 -5.74 -15.50 10.38
C SER D 52 -5.94 -16.98 10.09
N SER D 53 -7.19 -17.44 10.19
CA SER D 53 -7.50 -18.83 9.83
C SER D 53 -7.40 -19.03 8.33
N GLY D 54 -7.65 -17.99 7.55
CA GLY D 54 -7.48 -18.06 6.10
C GLY D 54 -6.05 -17.97 5.63
N GLY D 55 -5.12 -17.63 6.51
CA GLY D 55 -3.71 -17.55 6.17
C GLY D 55 -3.18 -16.16 5.90
N SER D 56 -3.97 -15.12 6.10
CA SER D 56 -3.47 -13.76 5.91
C SER D 56 -2.54 -13.38 7.06
N THR D 57 -1.37 -12.85 6.71
CA THR D 57 -0.34 -12.56 7.70
C THR D 57 0.08 -11.10 7.60
N LYS D 58 0.60 -10.60 8.73
CA LYS D 58 1.24 -9.29 8.80
C LYS D 58 2.42 -9.38 9.74
N TYR D 59 3.54 -8.76 9.34
CA TYR D 59 4.75 -8.73 10.14
C TYR D 59 5.06 -7.30 10.58
N GLY D 60 5.78 -7.18 11.68
CA GLY D 60 6.35 -5.90 12.05
C GLY D 60 7.45 -5.48 11.09
N ASP D 61 7.69 -4.17 11.05
CA ASP D 61 8.69 -3.65 10.11
C ASP D 61 10.08 -4.15 10.44
N SER D 62 10.40 -4.26 11.73
CA SER D 62 11.76 -4.62 12.15
C SER D 62 12.06 -6.11 12.02
N VAL D 63 11.05 -6.96 11.83
CA VAL D 63 11.25 -8.40 11.75
C VAL D 63 10.89 -8.95 10.38
N LYS D 64 10.56 -8.07 9.43
CA LYS D 64 10.20 -8.53 8.08
C LYS D 64 11.40 -9.19 7.41
N GLY D 65 11.18 -10.36 6.82
CA GLY D 65 12.20 -11.11 6.13
C GLY D 65 12.99 -12.06 7.01
N ARG D 66 13.15 -11.75 8.30
CA ARG D 66 13.89 -12.61 9.20
C ARG D 66 12.99 -13.58 9.96
N PHE D 67 11.77 -13.17 10.26
CA PHE D 67 10.83 -13.98 11.02
C PHE D 67 9.74 -14.51 10.09
N THR D 68 9.34 -15.75 10.30
CA THR D 68 8.32 -16.39 9.49
C THR D 68 7.32 -17.11 10.38
N ILE D 69 6.04 -16.85 10.16
CA ILE D 69 4.96 -17.44 10.94
C ILE D 69 4.24 -18.47 10.08
N SER D 70 3.82 -19.57 10.71
CA SER D 70 3.02 -20.60 10.06
C SER D 70 1.90 -21.00 11.01
N ARG D 71 0.97 -21.81 10.51
CA ARG D 71 -0.20 -22.18 11.30
C ARG D 71 -0.75 -23.52 10.84
N ASP D 72 -1.17 -24.33 11.81
CA ASP D 72 -1.89 -25.58 11.56
C ASP D 72 -3.28 -25.44 12.15
N ASN D 73 -4.28 -25.26 11.28
CA ASN D 73 -5.63 -25.01 11.76
C ASN D 73 -6.24 -26.23 12.46
N THR D 74 -5.85 -27.44 12.04
CA THR D 74 -6.42 -28.65 12.63
C THR D 74 -6.12 -28.76 14.13
N LYS D 75 -5.00 -28.18 14.57
CA LYS D 75 -4.62 -28.21 15.97
C LYS D 75 -4.71 -26.83 16.63
N ASN D 76 -5.09 -25.79 15.88
CA ASN D 76 -5.13 -24.42 16.39
C ASN D 76 -3.79 -24.05 17.01
N THR D 77 -2.74 -24.17 16.20
CA THR D 77 -1.38 -23.95 16.65
C THR D 77 -0.62 -23.12 15.62
N VAL D 78 0.06 -22.08 16.09
CA VAL D 78 0.90 -21.25 15.24
C VAL D 78 2.36 -21.48 15.61
N TYR D 79 3.24 -21.25 14.63
CA TYR D 79 4.68 -21.41 14.81
C TYR D 79 5.39 -20.18 14.29
N LEU D 80 6.46 -19.78 14.97
CA LEU D 80 7.26 -18.62 14.58
C LEU D 80 8.71 -19.05 14.44
N GLN D 81 9.26 -18.93 13.23
CA GLN D 81 10.65 -19.25 12.95
C GLN D 81 11.43 -17.95 12.90
N MET D 82 12.27 -17.72 13.91
CA MET D 82 13.04 -16.49 14.05
C MET D 82 14.47 -16.76 13.58
N ASN D 83 14.92 -16.02 12.58
CA ASN D 83 16.26 -16.15 12.03
C ASN D 83 17.00 -14.82 12.13
N SER D 84 18.33 -14.89 12.01
CA SER D 84 19.20 -13.71 12.01
C SER D 84 18.92 -12.82 13.22
N LEU D 85 18.89 -13.43 14.39
CA LEU D 85 18.50 -12.72 15.60
C LEU D 85 19.53 -11.66 15.98
N LYS D 86 19.05 -10.58 16.56
CA LYS D 86 19.84 -9.45 16.98
C LYS D 86 19.57 -9.19 18.46
N PRO D 87 20.46 -8.45 19.15
CA PRO D 87 20.19 -8.13 20.56
C PRO D 87 18.91 -7.34 20.76
N GLU D 88 18.47 -6.58 19.76
CA GLU D 88 17.22 -5.84 19.87
C GLU D 88 16.00 -6.74 19.86
N ASP D 89 16.15 -8.01 19.49
CA ASP D 89 15.04 -8.96 19.52
C ASP D 89 14.80 -9.53 20.92
N THR D 90 15.59 -9.13 21.91
CA THR D 90 15.42 -9.59 23.29
C THR D 90 14.12 -9.01 23.85
N ALA D 91 13.16 -9.87 24.14
CA ALA D 91 11.87 -9.43 24.65
C ALA D 91 11.09 -10.63 25.16
N VAL D 92 10.01 -10.34 25.88
CA VAL D 92 9.03 -11.35 26.26
C VAL D 92 7.93 -11.35 25.19
N TYR D 93 7.78 -12.49 24.50
CA TYR D 93 6.88 -12.59 23.35
C TYR D 93 5.56 -13.18 23.81
N TYR D 94 4.50 -12.39 23.75
CA TYR D 94 3.16 -12.84 24.13
C TYR D 94 2.44 -13.41 22.92
N CYS D 95 1.93 -14.63 23.04
CA CYS D 95 1.04 -15.17 22.04
C CYS D 95 -0.37 -14.64 22.27
N TYR D 96 -1.08 -14.36 21.17
CA TYR D 96 -2.41 -13.79 21.29
C TYR D 96 -3.33 -14.41 20.24
N GLY D 97 -4.62 -14.39 20.55
CA GLY D 97 -5.63 -14.87 19.64
C GLY D 97 -6.83 -13.96 19.65
N LEU D 98 -7.50 -13.87 18.50
CA LEU D 98 -8.71 -13.08 18.34
C LEU D 98 -9.87 -13.99 18.03
N SER D 99 -10.92 -13.93 18.84
CA SER D 99 -12.13 -14.67 18.54
C SER D 99 -12.87 -14.02 17.37
N TYR D 100 -13.77 -14.80 16.77
CA TYR D 100 -14.60 -14.26 15.69
C TYR D 100 -15.51 -13.13 16.17
N SER D 101 -15.59 -12.91 17.49
CA SER D 101 -16.31 -11.78 18.06
C SER D 101 -15.37 -10.64 18.45
N ASN D 102 -14.13 -10.67 17.96
CA ASN D 102 -13.13 -9.64 18.22
C ASN D 102 -12.78 -9.53 19.71
N ASP D 103 -12.79 -10.67 20.41
CA ASP D 103 -12.28 -10.74 21.77
C ASP D 103 -10.83 -11.17 21.73
N ASP D 104 -9.98 -10.48 22.50
CA ASP D 104 -8.55 -10.72 22.48
C ASP D 104 -8.14 -11.61 23.66
N TYR D 105 -7.37 -12.65 23.36
CA TYR D 105 -6.82 -13.54 24.38
C TYR D 105 -5.30 -13.45 24.34
N TRP D 106 -4.67 -13.66 25.49
CA TRP D 106 -3.24 -13.44 25.63
C TRP D 106 -2.60 -14.57 26.42
N GLY D 107 -1.37 -14.92 26.03
CA GLY D 107 -0.56 -15.82 26.82
C GLY D 107 0.32 -15.08 27.80
N GLN D 108 0.84 -15.81 28.79
CA GLN D 108 1.67 -15.19 29.81
C GLN D 108 2.98 -14.65 29.23
N GLY D 109 3.47 -15.25 28.17
CA GLY D 109 4.66 -14.77 27.51
C GLY D 109 5.83 -15.73 27.65
N THR D 110 6.74 -15.67 26.68
CA THR D 110 7.96 -16.46 26.70
C THR D 110 9.16 -15.54 26.49
N GLN D 111 10.28 -15.88 27.13
CA GLN D 111 11.48 -15.07 27.07
C GLN D 111 12.35 -15.49 25.89
N VAL D 112 12.82 -14.51 25.14
CA VAL D 112 13.78 -14.72 24.05
C VAL D 112 14.98 -13.82 24.32
N THR D 113 16.17 -14.42 24.37
CA THR D 113 17.39 -13.71 24.72
C THR D 113 18.44 -13.93 23.63
N VAL D 114 19.10 -12.84 23.24
CA VAL D 114 20.15 -12.87 22.23
C VAL D 114 21.43 -12.25 22.79
#